data_6C54
#
_entry.id   6C54
#
_cell.length_a   1
_cell.length_b   1
_cell.length_c   1
_cell.angle_alpha   90.00
_cell.angle_beta   90.00
_cell.angle_gamma   90.00
#
_symmetry.space_group_name_H-M   'P 1'
#
_entity_poly.entity_id   1
_entity_poly.type   'polypeptide(L)'
_entity_poly.pdbx_seq_one_letter_code
;LTAGLSVQQGIVRQRVIPVYQVNNLEEICQLIIQAFEAGVDFQESADSFLLMLCLHHAYQGDYKLFLESGAVKYLEGHGF
RFEVKKRDGVKRLEELLPAVSSGKNIKRTLAAMPEEETTEANAGQFLSFASLFLPKLVVGEKACLEKVQRQIQVHAEQGL
IQYPTAWQSVGHMMVIFRLMRTNFLIKFLLIHQGMHMVAGHDANDAVISNSVAQARFSGLLIVKTVLDHILQKTERGVRL
HPLARTAKVKNEVNSFKAALSSLAKHGEYAPFARLLNLSGVNNLEHGLFPQLSAIALGVATAHGSTLAGVNVGEQYQQLR
EAATEAEKQLQQYAESRELDHLGLDDQEKKILMNFHQKKNEISFQQTNAMVTLRKERLAKLTEAITAASLPKTSGHYDDD
DDIPFPGPINDDDNPGHQDDDPTDSQDTTIPDV
;
_entity_poly.pdbx_strand_id   A,B
#
# COMPACT_ATOMS: atom_id res chain seq x y z
N ARG A 15 -8.68 2.32 30.91
CA ARG A 15 -8.51 0.93 30.53
C ARG A 15 -9.85 0.21 30.50
N VAL A 16 -10.42 0.01 31.68
CA VAL A 16 -11.72 -0.62 31.83
C VAL A 16 -12.69 0.43 32.34
N ILE A 17 -13.83 0.56 31.68
CA ILE A 17 -14.82 1.59 31.99
C ILE A 17 -16.17 0.89 32.20
N PRO A 18 -16.71 0.89 33.40
CA PRO A 18 -18.00 0.23 33.63
C PRO A 18 -19.15 1.04 33.04
N VAL A 19 -20.16 0.35 32.55
CA VAL A 19 -21.39 0.98 32.06
C VAL A 19 -22.51 0.57 33.02
N TYR A 20 -23.58 1.34 33.06
CA TYR A 20 -24.63 1.18 34.04
C TYR A 20 -25.91 0.66 33.39
N GLN A 21 -26.75 0.05 34.21
CA GLN A 21 -28.06 -0.43 33.79
C GLN A 21 -29.08 0.14 34.75
N VAL A 22 -29.88 1.09 34.28
CA VAL A 22 -30.87 1.75 35.13
C VAL A 22 -32.26 1.44 34.61
N ASN A 23 -33.26 1.80 35.42
CA ASN A 23 -34.64 1.66 34.98
C ASN A 23 -35.18 2.99 34.47
N ASN A 24 -35.17 4.01 35.32
CA ASN A 24 -35.54 5.36 34.92
C ASN A 24 -34.27 6.04 34.45
N LEU A 25 -34.24 6.40 33.17
CA LEU A 25 -33.16 7.21 32.63
C LEU A 25 -33.24 8.62 33.17
N GLU A 26 -34.40 9.26 32.99
CA GLU A 26 -34.49 10.72 32.99
C GLU A 26 -34.28 11.33 34.37
N GLU A 27 -34.77 10.67 35.42
CA GLU A 27 -34.50 11.14 36.77
C GLU A 27 -33.02 11.03 37.10
N ILE A 28 -32.40 9.92 36.71
CA ILE A 28 -30.99 9.70 37.03
C ILE A 28 -30.11 10.63 36.21
N CYS A 29 -30.43 10.77 34.92
CA CYS A 29 -29.57 11.53 34.01
C CYS A 29 -29.63 13.04 34.31
N GLN A 30 -30.81 13.55 34.67
CA GLN A 30 -30.91 14.97 34.96
C GLN A 30 -30.22 15.33 36.27
N LEU A 31 -30.31 14.46 37.26
CA LEU A 31 -29.65 14.72 38.53
C LEU A 31 -28.14 14.66 38.42
N ILE A 32 -27.62 13.92 37.43
CA ILE A 32 -26.22 14.05 37.05
C ILE A 32 -25.93 15.47 36.62
N ILE A 33 -26.81 16.02 35.77
CA ILE A 33 -26.63 17.37 35.26
C ILE A 33 -26.83 18.38 36.39
N GLN A 34 -27.72 18.06 37.34
CA GLN A 34 -27.90 18.88 38.53
C GLN A 34 -26.61 18.96 39.35
N ALA A 35 -25.86 17.86 39.39
CA ALA A 35 -24.55 17.88 40.03
C ALA A 35 -23.56 18.71 39.23
N PHE A 36 -23.73 18.75 37.90
CA PHE A 36 -22.90 19.65 37.12
C PHE A 36 -23.49 21.04 37.10
N GLU A 37 -24.79 21.16 37.36
CA GLU A 37 -25.33 22.48 37.71
C GLU A 37 -24.83 22.90 39.08
N ALA A 38 -24.65 21.94 39.98
CA ALA A 38 -23.88 22.21 41.19
C ALA A 38 -22.41 22.38 40.88
N GLY A 39 -21.93 21.73 39.81
CA GLY A 39 -20.58 21.90 39.34
C GLY A 39 -19.53 21.07 40.03
N VAL A 40 -19.91 19.99 40.69
CA VAL A 40 -18.95 19.15 41.39
C VAL A 40 -18.20 18.31 40.37
N ASP A 41 -16.94 18.02 40.66
CA ASP A 41 -16.06 17.32 39.73
C ASP A 41 -16.17 15.81 39.92
N PHE A 42 -15.79 15.09 38.88
CA PHE A 42 -15.74 13.64 38.87
C PHE A 42 -14.54 13.22 38.04
N GLN A 43 -13.93 12.10 38.42
CA GLN A 43 -12.71 11.65 37.79
C GLN A 43 -12.95 10.43 36.93
N GLU A 44 -13.50 9.36 37.50
CA GLU A 44 -13.91 8.21 36.71
C GLU A 44 -15.42 8.04 36.73
N SER A 45 -16.09 8.75 37.63
CA SER A 45 -17.53 8.66 37.79
C SER A 45 -18.30 9.23 36.61
N ALA A 46 -17.91 10.40 36.10
CA ALA A 46 -18.65 11.03 35.00
C ALA A 46 -18.40 10.31 33.67
N ASP A 47 -17.37 9.47 33.63
CA ASP A 47 -17.13 8.62 32.47
C ASP A 47 -18.29 7.66 32.27
N SER A 48 -18.71 6.98 33.34
CA SER A 48 -19.84 6.07 33.26
C SER A 48 -21.16 6.84 33.21
N PHE A 49 -21.18 8.08 33.69
CA PHE A 49 -22.43 8.82 33.79
C PHE A 49 -22.89 9.30 32.42
N LEU A 50 -21.97 9.86 31.63
CA LEU A 50 -22.36 10.46 30.37
C LEU A 50 -22.66 9.41 29.30
N LEU A 51 -22.29 8.15 29.57
CA LEU A 51 -22.70 7.05 28.71
C LEU A 51 -24.22 6.89 28.69
N MET A 52 -24.87 7.20 29.82
CA MET A 52 -26.31 7.03 29.90
C MET A 52 -27.03 8.15 29.18
N LEU A 53 -26.35 9.27 28.94
CA LEU A 53 -26.99 10.41 28.30
C LEU A 53 -27.24 10.16 26.82
N CYS A 54 -26.23 9.66 26.11
CA CYS A 54 -26.47 9.24 24.74
C CYS A 54 -27.30 7.98 24.69
N LEU A 55 -27.24 7.15 25.74
CA LEU A 55 -28.15 6.02 25.87
C LEU A 55 -29.59 6.49 25.99
N HIS A 56 -29.82 7.57 26.73
CA HIS A 56 -31.14 8.17 26.78
C HIS A 56 -31.49 8.86 25.47
N HIS A 57 -30.59 9.72 24.99
CA HIS A 57 -30.92 10.57 23.85
C HIS A 57 -30.74 9.83 22.54
N ALA A 58 -29.50 9.42 22.24
CA ALA A 58 -29.21 8.88 20.93
C ALA A 58 -29.63 7.42 20.80
N TYR A 59 -29.83 6.73 21.92
CA TYR A 59 -30.07 5.30 21.89
C TYR A 59 -31.33 4.86 22.61
N GLN A 60 -32.06 5.80 23.24
CA GLN A 60 -33.37 5.59 23.86
C GLN A 60 -33.36 4.54 24.97
N GLY A 61 -32.24 4.37 25.67
CA GLY A 61 -32.14 3.36 26.70
C GLY A 61 -31.82 1.97 26.21
N ASP A 62 -31.73 1.76 24.90
CA ASP A 62 -31.54 0.43 24.32
C ASP A 62 -30.10 0.00 24.55
N TYR A 63 -29.92 -0.99 25.43
CA TYR A 63 -28.59 -1.47 25.75
C TYR A 63 -27.97 -2.18 24.55
N LYS A 64 -28.79 -2.88 23.77
CA LYS A 64 -28.30 -3.60 22.60
C LYS A 64 -27.84 -2.64 21.52
N LEU A 65 -28.58 -1.55 21.31
CA LEU A 65 -28.18 -0.53 20.35
C LEU A 65 -26.90 0.16 20.81
N PHE A 66 -26.73 0.31 22.12
CA PHE A 66 -25.45 0.78 22.64
C PHE A 66 -24.38 -0.30 22.50
N LEU A 67 -24.78 -1.57 22.65
CA LEU A 67 -23.85 -2.67 22.50
C LEU A 67 -23.36 -2.83 21.07
N GLU A 68 -24.24 -2.65 20.09
CA GLU A 68 -23.84 -2.80 18.69
C GLU A 68 -23.19 -1.54 18.13
N SER A 69 -22.95 -0.53 18.96
CA SER A 69 -22.39 0.72 18.48
C SER A 69 -20.94 0.55 18.05
N GLY A 70 -20.63 1.07 16.87
CA GLY A 70 -19.27 0.93 16.34
C GLY A 70 -18.26 1.74 17.12
N ALA A 71 -18.72 2.82 17.74
CA ALA A 71 -17.88 3.63 18.60
C ALA A 71 -17.43 2.85 19.83
N VAL A 72 -18.34 2.02 20.36
CA VAL A 72 -17.97 1.08 21.41
C VAL A 72 -16.97 0.07 20.87
N LYS A 73 -17.17 -0.35 19.61
CA LYS A 73 -16.22 -1.25 18.97
C LYS A 73 -14.92 -0.52 18.63
N TYR A 74 -14.98 0.80 18.52
CA TYR A 74 -13.81 1.56 18.10
C TYR A 74 -12.79 1.66 19.21
N LEU A 75 -13.24 1.92 20.43
CA LEU A 75 -12.29 2.12 21.53
C LEU A 75 -12.03 0.81 22.26
N GLU A 76 -12.89 -0.19 22.06
CA GLU A 76 -12.48 -1.56 22.37
C GLU A 76 -11.53 -2.07 21.30
N GLY A 77 -11.60 -1.50 20.10
CA GLY A 77 -10.50 -1.63 19.16
C GLY A 77 -9.24 -0.96 19.68
N HIS A 78 -9.39 0.05 20.53
CA HIS A 78 -8.25 0.58 21.26
C HIS A 78 -8.09 -0.13 22.60
N GLY A 79 -9.14 -0.78 23.06
CA GLY A 79 -9.06 -1.64 24.22
C GLY A 79 -9.90 -1.19 25.39
N PHE A 80 -10.57 -0.05 25.23
CA PHE A 80 -11.34 0.55 26.33
C PHE A 80 -12.64 -0.23 26.47
N ARG A 81 -12.57 -1.31 27.25
CA ARG A 81 -13.64 -2.29 27.37
C ARG A 81 -14.67 -1.84 28.39
N PHE A 82 -15.75 -2.60 28.49
CA PHE A 82 -16.92 -2.22 29.26
C PHE A 82 -17.42 -3.39 30.10
N GLU A 83 -18.31 -3.06 31.03
CA GLU A 83 -18.99 -4.02 31.87
C GLU A 83 -20.27 -3.38 32.42
N VAL A 84 -21.33 -4.17 32.49
CA VAL A 84 -22.64 -3.65 32.87
C VAL A 84 -22.77 -3.66 34.39
N LYS A 85 -23.44 -2.63 34.92
CA LYS A 85 -23.74 -2.54 36.35
C LYS A 85 -25.24 -2.33 36.50
N LYS A 86 -25.94 -3.33 37.04
CA LYS A 86 -27.39 -3.27 37.17
C LYS A 86 -27.76 -2.52 38.44
N ARG A 87 -28.45 -1.40 38.28
CA ARG A 87 -29.00 -0.65 39.40
C ARG A 87 -30.51 -0.54 39.22
N ASP A 88 -31.25 -0.97 40.23
CA ASP A 88 -32.70 -0.89 40.19
C ASP A 88 -33.23 -0.11 41.38
N GLY A 89 -32.32 0.33 42.25
CA GLY A 89 -32.66 1.20 43.35
C GLY A 89 -32.43 2.65 42.99
N VAL A 90 -32.92 3.07 41.82
CA VAL A 90 -32.61 4.38 41.29
C VAL A 90 -33.38 5.46 42.05
N LYS A 91 -32.73 6.01 43.08
CA LYS A 91 -33.29 7.09 43.89
C LYS A 91 -32.22 8.11 44.21
N ARG A 92 -31.02 7.90 43.67
CA ARG A 92 -29.84 8.65 44.07
C ARG A 92 -28.77 8.46 43.01
N LEU A 93 -27.64 9.13 43.22
CA LEU A 93 -26.43 8.90 42.45
C LEU A 93 -25.37 8.16 43.23
N GLU A 94 -25.62 7.90 44.52
CA GLU A 94 -24.64 7.27 45.38
C GLU A 94 -24.69 5.75 45.34
N GLU A 95 -25.43 5.18 44.39
CA GLU A 95 -25.35 3.76 44.09
C GLU A 95 -24.47 3.48 42.89
N LEU A 96 -23.80 4.49 42.36
CA LEU A 96 -23.05 4.38 41.12
C LEU A 96 -21.54 4.44 41.33
N LEU A 97 -21.09 4.09 42.53
CA LEU A 97 -19.68 4.11 42.88
C LEU A 97 -19.34 2.78 43.54
N PRO A 98 -19.00 1.74 42.77
CA PRO A 98 -18.64 0.46 43.38
C PRO A 98 -17.18 0.39 43.79
N ALA A 99 -16.34 1.18 43.12
CA ALA A 99 -14.94 1.33 43.50
C ALA A 99 -14.72 2.79 43.85
N VAL A 100 -13.94 3.01 44.91
CA VAL A 100 -13.87 4.36 45.46
C VAL A 100 -12.63 5.07 44.90
N SER A 101 -11.46 4.68 45.37
CA SER A 101 -10.11 5.01 44.91
C SER A 101 -9.72 6.49 45.00
N SER A 102 -10.70 7.39 44.97
CA SER A 102 -10.65 8.73 45.54
C SER A 102 -12.04 9.21 45.94
N GLY A 103 -13.05 8.35 45.74
CA GLY A 103 -14.42 8.82 45.60
C GLY A 103 -15.14 9.03 46.91
N LYS A 104 -14.39 9.05 48.02
CA LYS A 104 -14.96 9.48 49.29
C LYS A 104 -15.44 10.93 49.22
N ASN A 105 -14.66 11.78 48.54
CA ASN A 105 -15.08 13.16 48.30
C ASN A 105 -16.27 13.19 47.34
N ILE A 106 -16.31 12.25 46.39
CA ILE A 106 -17.38 12.21 45.39
C ILE A 106 -18.71 11.91 46.04
N LYS A 107 -18.73 10.95 46.98
CA LYS A 107 -19.96 10.62 47.69
C LYS A 107 -20.39 11.75 48.61
N ARG A 108 -19.44 12.55 49.08
CA ARG A 108 -19.79 13.72 49.88
C ARG A 108 -20.39 14.83 49.02
N THR A 109 -19.83 15.03 47.83
CA THR A 109 -20.36 16.06 46.94
C THR A 109 -21.72 15.68 46.39
N LEU A 110 -21.96 14.38 46.18
CA LEU A 110 -23.31 13.91 45.85
C LEU A 110 -24.26 14.16 47.02
N ALA A 111 -23.76 14.01 48.24
CA ALA A 111 -24.56 14.37 49.40
C ALA A 111 -24.67 15.89 49.56
N ALA A 112 -23.66 16.61 49.06
CA ALA A 112 -23.68 18.07 49.18
C ALA A 112 -24.71 18.69 48.24
N MET A 113 -24.96 18.07 47.11
CA MET A 113 -25.98 18.56 46.19
C MET A 113 -27.33 17.96 46.55
N PRO A 114 -28.42 18.62 46.19
CA PRO A 114 -29.75 18.02 46.41
C PRO A 114 -29.99 16.83 45.47
N GLU A 115 -29.99 15.64 46.05
CA GLU A 115 -30.28 14.41 45.33
C GLU A 115 -31.77 14.23 45.03
N GLU A 116 -32.63 15.06 45.58
CA GLU A 116 -34.06 14.86 45.45
C GLU A 116 -34.81 16.12 45.02
N GLU A 117 -34.06 17.18 44.71
CA GLU A 117 -34.65 18.42 44.23
C GLU A 117 -34.22 18.65 42.78
N THR A 118 -35.18 18.70 41.87
CA THR A 118 -34.90 18.68 40.44
C THR A 118 -35.31 20.00 39.80
N THR A 119 -34.66 20.31 38.67
CA THR A 119 -35.03 21.45 37.84
C THR A 119 -35.25 20.93 36.43
N GLU A 120 -35.49 21.88 35.51
CA GLU A 120 -35.71 21.52 34.11
C GLU A 120 -34.39 21.12 33.45
N ALA A 121 -34.37 19.93 32.86
CA ALA A 121 -33.22 19.45 32.09
C ALA A 121 -33.61 18.30 31.18
N ASN A 122 -32.73 17.95 30.26
CA ASN A 122 -32.81 16.67 29.56
C ASN A 122 -31.39 16.35 29.11
N ALA A 123 -31.18 15.07 28.77
CA ALA A 123 -29.87 14.58 28.33
C ALA A 123 -29.42 15.29 27.06
N GLY A 124 -30.23 15.19 26.01
CA GLY A 124 -29.90 15.81 24.74
C GLY A 124 -29.83 17.32 24.83
N GLN A 125 -30.63 17.91 25.72
CA GLN A 125 -30.48 19.33 26.04
C GLN A 125 -29.09 19.62 26.58
N PHE A 126 -28.59 18.74 27.45
CA PHE A 126 -27.26 18.95 28.00
C PHE A 126 -26.18 18.47 27.05
N LEU A 127 -26.44 17.41 26.29
CA LEU A 127 -25.45 16.91 25.33
C LEU A 127 -25.21 17.91 24.22
N SER A 128 -26.27 18.59 23.79
CA SER A 128 -26.11 19.72 22.90
C SER A 128 -25.37 20.86 23.58
N PHE A 129 -25.67 21.07 24.86
CA PHE A 129 -24.90 22.02 25.64
C PHE A 129 -23.47 21.55 25.84
N ALA A 130 -23.29 20.23 25.93
CA ALA A 130 -21.94 19.67 26.03
C ALA A 130 -21.19 19.84 24.71
N SER A 131 -21.93 19.82 23.60
CA SER A 131 -21.30 19.87 22.28
C SER A 131 -20.79 21.26 21.95
N LEU A 132 -21.25 22.26 22.68
CA LEU A 132 -20.91 23.65 22.43
C LEU A 132 -19.43 23.91 22.61
N PHE A 133 -18.84 23.21 23.57
CA PHE A 133 -17.48 23.51 23.99
C PHE A 133 -16.44 22.82 23.14
N LEU A 134 -16.87 21.89 22.29
CA LEU A 134 -15.99 21.04 21.48
C LEU A 134 -14.94 21.72 20.60
N PRO A 135 -15.24 22.71 19.74
CA PRO A 135 -14.23 23.09 18.74
C PRO A 135 -13.08 23.91 19.30
N LYS A 136 -13.23 24.51 20.47
CA LYS A 136 -12.22 25.41 21.00
C LYS A 136 -11.67 24.96 22.35
N LEU A 137 -11.96 23.72 22.74
CA LEU A 137 -11.45 23.18 24.00
C LEU A 137 -9.93 23.13 24.01
N VAL A 138 -9.35 22.42 23.06
CA VAL A 138 -7.92 22.30 22.93
C VAL A 138 -7.27 23.60 22.44
N VAL A 139 -8.06 24.47 21.81
CA VAL A 139 -7.57 25.73 21.28
C VAL A 139 -7.22 26.72 22.38
N GLY A 140 -8.16 27.03 23.25
CA GLY A 140 -7.98 28.06 24.25
C GLY A 140 -9.32 28.49 24.84
N GLU A 141 -9.29 28.81 26.13
CA GLU A 141 -10.51 29.19 26.86
C GLU A 141 -11.09 30.50 26.36
N LYS A 142 -10.21 31.43 25.97
CA LYS A 142 -10.66 32.72 25.46
C LYS A 142 -11.38 32.56 24.13
N ALA A 143 -10.85 31.69 23.27
CA ALA A 143 -11.56 31.33 22.05
C ALA A 143 -12.82 30.53 22.37
N CYS A 144 -12.74 29.69 23.41
CA CYS A 144 -13.93 29.02 23.92
C CYS A 144 -14.90 30.02 24.52
N LEU A 145 -14.38 31.13 25.06
CA LEU A 145 -15.27 32.16 25.56
C LEU A 145 -15.96 32.89 24.42
N GLU A 146 -15.19 33.26 23.40
CA GLU A 146 -15.72 34.09 22.31
C GLU A 146 -16.69 33.30 21.44
N LYS A 147 -16.34 32.07 21.11
CA LYS A 147 -17.11 31.32 20.11
C LYS A 147 -18.42 30.82 20.69
N VAL A 148 -18.36 30.22 21.89
CA VAL A 148 -19.53 29.55 22.47
C VAL A 148 -20.61 30.57 22.81
N GLN A 149 -20.20 31.72 23.33
CA GLN A 149 -21.14 32.81 23.58
C GLN A 149 -21.76 33.31 22.28
N ARG A 150 -20.99 33.28 21.19
CA ARG A 150 -21.58 33.57 19.90
C ARG A 150 -22.29 32.35 19.32
N GLN A 151 -21.87 31.15 19.73
CA GLN A 151 -22.67 29.97 19.40
C GLN A 151 -23.97 29.96 20.19
N ILE A 152 -23.96 30.58 21.37
CA ILE A 152 -25.23 30.89 22.03
C ILE A 152 -26.04 31.84 21.18
N GLN A 153 -25.38 32.85 20.59
CA GLN A 153 -26.07 33.83 19.76
C GLN A 153 -26.61 33.22 18.48
N VAL A 154 -25.79 32.42 17.80
CA VAL A 154 -26.17 31.86 16.49
C VAL A 154 -27.34 30.90 16.64
N HIS A 155 -27.29 30.03 17.65
CA HIS A 155 -28.42 29.13 17.88
C HIS A 155 -29.61 29.86 18.53
N ALA A 156 -29.40 31.10 18.98
CA ALA A 156 -30.54 31.94 19.32
C ALA A 156 -31.00 32.76 18.12
N GLU A 157 -30.08 33.11 17.21
CA GLU A 157 -30.46 33.80 15.99
C GLU A 157 -31.29 32.90 15.09
N GLN A 158 -30.95 31.60 15.06
CA GLN A 158 -31.86 30.65 14.45
C GLN A 158 -33.02 30.37 15.39
N GLY A 159 -32.79 30.52 16.69
CA GLY A 159 -33.73 30.06 17.66
C GLY A 159 -33.83 28.56 17.74
N LEU A 160 -32.71 27.86 17.54
CA LEU A 160 -32.75 26.41 17.40
C LEU A 160 -33.01 25.73 18.73
N ILE A 161 -32.27 26.11 19.77
CA ILE A 161 -32.54 25.63 21.11
C ILE A 161 -32.22 26.78 22.05
N GLN A 162 -32.83 26.75 23.23
CA GLN A 162 -32.57 27.76 24.24
C GLN A 162 -32.16 27.08 25.54
N TYR A 163 -31.10 27.60 26.13
CA TYR A 163 -30.63 27.08 27.40
C TYR A 163 -30.98 28.05 28.51
N PRO A 164 -31.00 27.61 29.76
CA PRO A 164 -31.03 28.56 30.88
C PRO A 164 -29.73 29.35 30.95
N THR A 165 -29.88 30.59 31.43
CA THR A 165 -28.74 31.47 31.61
C THR A 165 -27.81 31.03 32.71
N ALA A 166 -28.28 30.15 33.61
CA ALA A 166 -27.39 29.47 34.54
C ALA A 166 -26.40 28.59 33.79
N TRP A 167 -26.83 27.99 32.70
CA TRP A 167 -25.90 27.27 31.85
C TRP A 167 -25.01 28.22 31.06
N GLN A 168 -25.45 29.47 30.86
CA GLN A 168 -24.65 30.49 30.23
C GLN A 168 -23.63 31.12 31.18
N SER A 169 -23.52 30.61 32.40
CA SER A 169 -22.52 31.12 33.33
C SER A 169 -21.13 30.68 32.90
N VAL A 170 -20.20 31.63 32.93
CA VAL A 170 -18.82 31.35 32.54
C VAL A 170 -18.15 30.43 33.55
N GLY A 171 -18.58 30.53 34.81
CA GLY A 171 -18.18 29.53 35.78
C GLY A 171 -18.78 28.17 35.48
N HIS A 172 -20.01 28.14 35.00
CA HIS A 172 -20.61 26.89 34.57
C HIS A 172 -19.98 26.39 33.28
N MET A 173 -19.40 27.31 32.50
CA MET A 173 -18.58 26.89 31.38
C MET A 173 -17.33 26.18 31.86
N MET A 174 -16.76 26.65 32.97
CA MET A 174 -15.56 26.03 33.54
C MET A 174 -15.88 24.65 34.09
N VAL A 175 -17.14 24.41 34.49
CA VAL A 175 -17.58 23.08 34.89
C VAL A 175 -17.40 22.10 33.73
N ILE A 176 -17.68 22.57 32.52
CA ILE A 176 -17.71 21.66 31.39
C ILE A 176 -16.36 21.67 30.68
N PHE A 177 -15.72 22.84 30.61
CA PHE A 177 -14.44 22.99 29.92
C PHE A 177 -13.36 22.15 30.57
N ARG A 178 -13.38 22.09 31.90
CA ARG A 178 -12.49 21.15 32.58
C ARG A 178 -12.94 19.73 32.37
N LEU A 179 -14.26 19.50 32.28
CA LEU A 179 -14.78 18.15 32.15
C LEU A 179 -14.45 17.55 30.79
N MET A 180 -14.63 18.33 29.73
CA MET A 180 -14.46 17.79 28.39
C MET A 180 -12.99 17.58 28.07
N ARG A 181 -12.12 18.36 28.69
CA ARG A 181 -10.68 18.16 28.54
C ARG A 181 -10.25 16.82 29.15
N THR A 182 -10.90 16.43 30.24
CA THR A 182 -10.62 15.12 30.82
C THR A 182 -11.28 14.00 30.03
N ASN A 183 -12.60 14.00 29.97
CA ASN A 183 -13.35 12.92 29.35
C ASN A 183 -13.29 13.05 27.84
N PHE A 184 -12.41 12.26 27.23
CA PHE A 184 -12.40 12.11 25.78
C PHE A 184 -13.36 11.03 25.30
N LEU A 185 -13.53 9.97 26.10
CA LEU A 185 -14.41 8.84 25.82
C LEU A 185 -15.83 9.26 25.43
N ILE A 186 -16.33 10.32 26.07
CA ILE A 186 -17.64 10.82 25.72
C ILE A 186 -17.61 11.56 24.39
N LYS A 187 -16.47 12.17 24.06
CA LYS A 187 -16.44 13.12 22.95
C LYS A 187 -16.51 12.41 21.61
N PHE A 188 -15.96 11.19 21.55
CA PHE A 188 -16.07 10.40 20.32
C PHE A 188 -17.48 9.91 20.10
N LEU A 189 -18.25 9.78 21.18
CA LEU A 189 -19.62 9.30 21.07
C LEU A 189 -20.52 10.36 20.45
N LEU A 190 -20.21 11.63 20.72
CA LEU A 190 -20.97 12.73 20.13
C LEU A 190 -20.79 12.78 18.63
N ILE A 191 -19.57 12.55 18.16
CA ILE A 191 -19.30 12.70 16.74
C ILE A 191 -19.64 11.42 15.99
N HIS A 192 -19.61 10.28 16.69
CA HIS A 192 -20.20 9.07 16.12
C HIS A 192 -21.70 9.25 15.93
N GLN A 193 -22.35 9.94 16.86
CA GLN A 193 -23.70 10.42 16.61
C GLN A 193 -23.69 11.52 15.57
N GLY A 194 -22.62 12.32 15.55
CA GLY A 194 -22.60 13.51 14.72
C GLY A 194 -22.44 13.20 13.24
N MET A 195 -21.29 12.64 12.86
CA MET A 195 -20.99 12.48 11.44
C MET A 195 -21.40 11.11 10.90
N HIS A 196 -21.38 10.08 11.74
CA HIS A 196 -21.54 8.73 11.21
C HIS A 196 -23.01 8.39 11.02
N MET A 197 -23.77 8.35 12.11
CA MET A 197 -25.18 7.97 12.05
C MET A 197 -26.05 9.22 12.04
N VAL A 198 -25.94 10.01 10.98
CA VAL A 198 -26.67 11.26 10.86
C VAL A 198 -27.88 11.06 9.95
N ALA A 199 -29.05 10.89 10.57
CA ALA A 199 -30.32 10.96 9.87
C ALA A 199 -31.33 11.64 10.78
N GLY A 200 -30.87 12.13 11.91
CA GLY A 200 -31.74 12.60 12.97
C GLY A 200 -32.34 13.96 12.67
N HIS A 201 -33.23 14.36 13.56
CA HIS A 201 -33.90 15.65 13.41
C HIS A 201 -34.05 16.39 14.74
N ASP A 202 -33.27 16.05 15.76
CA ASP A 202 -33.34 16.77 17.02
C ASP A 202 -32.64 18.11 16.92
N ALA A 203 -33.32 19.15 17.42
CA ALA A 203 -32.73 20.49 17.50
C ALA A 203 -31.54 20.50 18.43
N ASN A 204 -31.55 19.62 19.43
CA ASN A 204 -30.35 19.30 20.18
C ASN A 204 -29.26 18.79 19.25
N ASP A 205 -29.57 17.72 18.49
CA ASP A 205 -28.58 17.12 17.60
C ASP A 205 -28.23 18.04 16.44
N ALA A 206 -29.15 18.95 16.09
CA ALA A 206 -28.90 19.89 15.01
C ALA A 206 -27.80 20.87 15.39
N VAL A 207 -27.71 21.22 16.68
CA VAL A 207 -26.52 21.91 17.15
C VAL A 207 -25.31 20.99 17.03
N ILE A 208 -25.49 19.74 17.46
CA ILE A 208 -24.39 18.79 17.62
C ILE A 208 -23.76 18.46 16.28
N SER A 209 -24.59 18.10 15.31
CA SER A 209 -24.08 17.75 13.98
C SER A 209 -23.47 18.96 13.29
N ASN A 210 -24.01 20.16 13.56
CA ASN A 210 -23.39 21.36 13.04
C ASN A 210 -22.12 21.68 13.82
N SER A 211 -22.07 21.25 15.08
CA SER A 211 -20.87 21.49 15.87
C SER A 211 -19.74 20.59 15.41
N VAL A 212 -20.10 19.39 14.92
CA VAL A 212 -19.12 18.50 14.30
C VAL A 212 -18.48 19.18 13.11
N ALA A 213 -19.28 19.84 12.27
CA ALA A 213 -18.75 20.63 11.18
C ALA A 213 -17.95 21.82 11.68
N GLN A 214 -18.36 22.38 12.82
CA GLN A 214 -17.63 23.48 13.41
C GLN A 214 -16.28 23.02 13.95
N ALA A 215 -16.18 21.76 14.35
CA ALA A 215 -15.00 21.32 15.08
C ALA A 215 -13.98 20.57 14.22
N ARG A 216 -14.21 20.45 12.92
CA ARG A 216 -13.31 19.68 12.07
C ARG A 216 -11.96 20.39 11.95
N PHE A 217 -10.88 19.64 12.23
CA PHE A 217 -9.49 20.04 11.99
C PHE A 217 -9.09 21.23 12.86
N SER A 218 -9.74 21.36 14.00
CA SER A 218 -9.55 22.50 14.89
C SER A 218 -8.19 22.36 15.55
N GLY A 219 -7.33 23.36 15.35
CA GLY A 219 -5.94 23.27 15.75
C GLY A 219 -5.06 22.54 14.76
N LEU A 220 -5.62 21.63 13.98
CA LEU A 220 -4.95 21.02 12.85
C LEU A 220 -5.09 21.88 11.61
N LEU A 221 -5.80 23.00 11.73
CA LEU A 221 -6.15 23.87 10.62
C LEU A 221 -4.92 24.44 9.94
N ILE A 222 -3.86 24.66 10.71
CA ILE A 222 -2.54 24.97 10.16
C ILE A 222 -2.10 23.87 9.22
N VAL A 223 -2.09 22.64 9.74
CA VAL A 223 -1.71 21.47 8.95
C VAL A 223 -2.73 21.22 7.85
N LYS A 224 -4.01 21.47 8.16
CA LYS A 224 -5.06 21.22 7.20
C LYS A 224 -4.98 22.21 6.04
N THR A 225 -4.39 23.37 6.29
CA THR A 225 -4.09 24.28 5.20
C THR A 225 -2.95 23.73 4.36
N VAL A 226 -1.94 23.15 5.01
CA VAL A 226 -0.82 22.54 4.30
C VAL A 226 -1.28 21.29 3.57
N LEU A 227 -2.24 20.58 4.17
CA LEU A 227 -3.00 19.54 3.50
C LEU A 227 -3.63 20.04 2.22
N ASP A 228 -4.12 21.28 2.22
CA ASP A 228 -4.84 21.80 1.07
C ASP A 228 -3.89 22.13 -0.07
N HIS A 229 -2.65 22.47 0.23
CA HIS A 229 -1.85 23.17 -0.76
C HIS A 229 -0.62 22.40 -1.20
N ILE A 230 -0.11 21.53 -0.34
CA ILE A 230 1.20 20.97 -0.63
C ILE A 230 1.08 19.56 -1.16
N LEU A 231 0.32 18.72 -0.47
CA LEU A 231 -0.05 17.39 -0.92
C LEU A 231 -0.68 17.43 -2.29
N GLN A 232 -0.01 16.82 -3.25
CA GLN A 232 -0.63 16.74 -4.57
C GLN A 232 -0.84 15.28 -4.94
N LYS A 233 -2.13 14.91 -5.00
CA LYS A 233 -2.60 13.54 -5.13
C LYS A 233 -2.02 12.82 -6.35
N THR A 234 -1.37 11.69 -6.08
CA THR A 234 -0.86 10.83 -7.13
C THR A 234 -1.10 9.39 -6.67
N GLU A 235 -1.10 8.47 -7.63
CA GLU A 235 -1.22 7.03 -7.43
C GLU A 235 -0.25 6.48 -6.39
N ARG A 236 0.98 6.98 -6.35
CA ARG A 236 2.02 6.51 -5.46
C ARG A 236 2.07 7.36 -4.19
N GLY A 237 0.92 7.76 -3.68
CA GLY A 237 0.85 8.72 -2.61
C GLY A 237 0.78 10.12 -3.16
N VAL A 238 0.42 11.06 -2.31
CA VAL A 238 0.40 12.47 -2.68
C VAL A 238 1.82 12.94 -2.92
N ARG A 239 1.97 13.99 -3.72
CA ARG A 239 3.30 14.52 -4.01
C ARG A 239 3.32 16.01 -3.74
N LEU A 240 4.41 16.64 -4.17
CA LEU A 240 4.71 18.01 -3.83
C LEU A 240 3.84 18.99 -4.62
N HIS A 241 3.65 20.16 -4.05
CA HIS A 241 3.33 21.44 -4.66
C HIS A 241 4.54 21.91 -5.48
N PRO A 242 4.35 22.76 -6.50
CA PRO A 242 5.52 23.31 -7.22
C PRO A 242 6.54 24.05 -6.37
N LEU A 243 6.10 24.78 -5.35
CA LEU A 243 7.06 25.34 -4.40
C LEU A 243 7.61 24.26 -3.49
N ALA A 244 6.85 23.19 -3.30
CA ALA A 244 7.33 22.10 -2.45
C ALA A 244 8.36 21.25 -3.17
N ARG A 245 8.48 21.41 -4.49
CA ARG A 245 9.60 20.79 -5.21
C ARG A 245 10.94 21.45 -4.92
N THR A 246 10.96 22.58 -4.22
CA THR A 246 12.23 23.18 -3.84
C THR A 246 12.85 22.38 -2.69
N ALA A 247 14.14 22.08 -2.83
CA ALA A 247 14.87 21.33 -1.82
C ALA A 247 15.08 22.10 -0.52
N LYS A 248 14.69 23.38 -0.48
CA LYS A 248 14.64 24.16 0.75
C LYS A 248 13.85 23.44 1.84
N VAL A 249 12.70 22.88 1.47
CA VAL A 249 11.84 22.23 2.43
C VAL A 249 11.81 20.73 2.28
N LYS A 250 12.75 20.16 1.52
CA LYS A 250 12.77 18.72 1.25
C LYS A 250 12.81 17.91 2.53
N ASN A 251 13.73 18.25 3.42
CA ASN A 251 13.82 17.57 4.71
C ASN A 251 12.58 17.83 5.56
N GLU A 252 11.93 18.98 5.35
CA GLU A 252 10.66 19.20 6.01
C GLU A 252 9.58 18.31 5.42
N VAL A 253 9.42 18.34 4.10
CA VAL A 253 8.24 17.71 3.50
C VAL A 253 8.38 16.20 3.50
N ASN A 254 9.60 15.68 3.54
CA ASN A 254 9.75 14.25 3.75
C ASN A 254 9.39 13.88 5.17
N SER A 255 9.81 14.70 6.13
CA SER A 255 9.36 14.52 7.50
C SER A 255 7.86 14.78 7.60
N PHE A 256 7.36 15.72 6.81
CA PHE A 256 5.93 15.98 6.82
C PHE A 256 5.16 14.83 6.18
N LYS A 257 5.80 14.16 5.22
CA LYS A 257 5.21 12.96 4.63
C LYS A 257 5.07 11.86 5.66
N ALA A 258 6.11 11.65 6.46
CA ALA A 258 6.16 10.50 7.35
C ALA A 258 5.17 10.63 8.49
N ALA A 259 5.04 11.83 9.05
CA ALA A 259 4.05 12.06 10.09
C ALA A 259 2.65 11.93 9.54
N LEU A 260 2.46 12.38 8.31
CA LEU A 260 1.16 12.24 7.66
C LEU A 260 0.89 10.78 7.32
N SER A 261 1.95 10.03 7.01
CA SER A 261 1.81 8.59 6.78
C SER A 261 1.38 7.89 8.06
N SER A 262 1.85 8.38 9.20
CA SER A 262 1.38 7.86 10.48
C SER A 262 -0.03 8.33 10.80
N LEU A 263 -0.48 9.41 10.16
CA LEU A 263 -1.62 10.15 10.67
C LEU A 263 -2.93 9.41 10.44
N ALA A 264 -3.17 8.93 9.22
CA ALA A 264 -4.46 8.33 8.92
C ALA A 264 -4.50 6.86 9.29
N LYS A 265 -3.49 6.39 10.04
CA LYS A 265 -3.59 5.12 10.76
C LYS A 265 -4.69 5.23 11.81
N HIS A 266 -4.86 6.42 12.35
CA HIS A 266 -5.93 6.71 13.29
C HIS A 266 -7.25 6.75 12.53
N GLY A 267 -7.18 7.06 11.24
CA GLY A 267 -8.32 6.80 10.38
C GLY A 267 -9.17 8.03 10.14
N GLU A 268 -10.48 7.80 10.14
CA GLU A 268 -11.50 8.75 9.69
C GLU A 268 -11.56 10.02 10.53
N TYR A 269 -11.11 9.95 11.77
CA TYR A 269 -11.38 10.99 12.76
C TYR A 269 -10.24 12.00 12.84
N ALA A 270 -9.39 12.02 11.80
CA ALA A 270 -8.38 13.05 11.60
C ALA A 270 -8.89 14.50 11.65
N PRO A 271 -10.15 14.83 11.32
CA PRO A 271 -10.64 16.17 11.72
C PRO A 271 -10.77 16.40 13.21
N PHE A 272 -10.57 15.39 14.05
CA PHE A 272 -10.76 15.53 15.49
C PHE A 272 -9.57 14.96 16.25
N ALA A 273 -8.43 14.85 15.57
CA ALA A 273 -7.24 14.26 16.17
C ALA A 273 -6.66 15.14 17.29
N ARG A 274 -6.72 16.46 17.13
CA ARG A 274 -6.27 17.38 18.16
C ARG A 274 -7.16 17.34 19.40
N LEU A 275 -8.36 16.76 19.29
CA LEU A 275 -9.10 16.34 20.47
C LEU A 275 -8.91 14.85 20.80
N LEU A 276 -8.58 14.01 19.81
CA LEU A 276 -8.14 12.66 20.11
C LEU A 276 -6.81 12.65 20.85
N ASN A 277 -5.82 13.37 20.31
CA ASN A 277 -4.49 13.56 20.89
C ASN A 277 -3.74 12.23 21.03
N LEU A 278 -3.62 11.53 19.91
CA LEU A 278 -2.71 10.41 19.79
C LEU A 278 -1.36 10.89 19.27
N SER A 279 -0.55 9.97 18.74
CA SER A 279 0.88 10.20 18.58
C SER A 279 1.19 11.25 17.53
N GLY A 280 0.50 11.19 16.39
CA GLY A 280 0.80 12.10 15.29
C GLY A 280 0.48 13.54 15.61
N VAL A 281 -0.46 13.75 16.54
CA VAL A 281 -0.73 15.09 17.07
C VAL A 281 0.51 15.65 17.73
N ASN A 282 1.22 14.82 18.50
CA ASN A 282 2.52 15.22 19.02
C ASN A 282 3.53 15.32 17.89
N ASN A 283 3.39 14.49 16.86
CA ASN A 283 4.31 14.53 15.73
C ASN A 283 3.97 15.63 14.74
N LEU A 284 2.99 16.48 15.04
CA LEU A 284 2.62 17.57 14.15
C LEU A 284 2.47 18.86 14.95
N GLU A 285 3.41 19.79 14.73
CA GLU A 285 3.27 21.17 15.16
C GLU A 285 3.82 22.09 14.08
N HIS A 286 3.36 23.34 14.06
CA HIS A 286 3.87 24.29 13.09
C HIS A 286 5.33 24.65 13.40
N GLY A 287 5.75 24.46 14.65
CA GLY A 287 7.17 24.55 14.96
C GLY A 287 7.99 23.48 14.29
N LEU A 288 7.38 22.32 14.02
CA LEU A 288 8.09 21.29 13.27
C LEU A 288 8.19 21.64 11.80
N PHE A 289 7.35 22.55 11.32
CA PHE A 289 7.26 22.84 9.89
C PHE A 289 7.23 24.35 9.69
N PRO A 290 8.30 25.04 10.09
CA PRO A 290 8.18 26.50 10.31
C PRO A 290 8.13 27.30 9.04
N GLN A 291 8.42 26.66 7.90
CA GLN A 291 8.30 27.37 6.63
C GLN A 291 7.04 26.94 5.90
N LEU A 292 6.54 25.74 6.21
CA LEU A 292 5.52 25.12 5.38
C LEU A 292 4.19 25.84 5.48
N SER A 293 3.80 26.19 6.70
CA SER A 293 2.60 27.00 6.87
C SER A 293 2.84 28.39 6.32
N ALA A 294 4.07 28.90 6.45
CA ALA A 294 4.41 30.20 5.92
C ALA A 294 4.37 30.19 4.40
N ILE A 295 4.69 29.04 3.80
CA ILE A 295 4.33 28.82 2.42
C ILE A 295 2.81 28.81 2.27
N ALA A 296 2.14 28.02 3.12
CA ALA A 296 0.72 27.75 2.92
C ALA A 296 -0.14 28.98 3.19
N LEU A 297 0.26 29.79 4.19
CA LEU A 297 -0.52 30.96 4.57
C LEU A 297 -0.55 32.00 3.46
N GLY A 298 0.57 32.15 2.74
CA GLY A 298 0.58 33.04 1.60
C GLY A 298 -0.28 32.50 0.47
N VAL A 299 -0.13 31.21 0.19
CA VAL A 299 -0.92 30.54 -0.84
C VAL A 299 -2.40 30.55 -0.48
N ALA A 300 -2.70 30.51 0.82
CA ALA A 300 -4.07 30.61 1.31
C ALA A 300 -4.71 31.93 0.87
N THR A 301 -4.06 33.04 1.18
CA THR A 301 -4.57 34.34 0.76
C THR A 301 -4.49 34.48 -0.76
N ALA A 302 -3.49 33.87 -1.38
CA ALA A 302 -3.41 33.86 -2.83
C ALA A 302 -4.55 33.07 -3.45
N HIS A 303 -4.98 32.00 -2.79
CA HIS A 303 -6.21 31.33 -3.20
C HIS A 303 -7.42 31.98 -2.54
N GLY A 304 -7.21 32.98 -1.69
CA GLY A 304 -8.29 33.55 -0.92
C GLY A 304 -8.84 32.62 0.14
N SER A 305 -8.02 31.73 0.70
CA SER A 305 -8.55 30.72 1.60
C SER A 305 -8.77 31.26 3.00
N THR A 306 -8.15 32.42 3.30
CA THR A 306 -8.36 33.22 4.51
C THR A 306 -8.14 32.46 5.80
N LEU A 307 -6.91 32.03 6.05
CA LEU A 307 -6.57 31.37 7.31
C LEU A 307 -6.59 32.40 8.43
N ALA A 308 -7.12 32.02 9.58
CA ALA A 308 -7.15 32.92 10.72
C ALA A 308 -5.83 32.90 11.46
N GLY A 309 -5.28 34.07 11.70
CA GLY A 309 -4.09 34.24 12.51
C GLY A 309 -2.79 33.86 11.82
N VAL A 310 -1.75 34.60 12.17
CA VAL A 310 -0.38 34.33 11.76
C VAL A 310 0.35 33.78 12.95
N ASN A 311 0.87 32.56 12.82
CA ASN A 311 1.37 31.83 13.96
C ASN A 311 2.85 31.49 13.84
N VAL A 312 3.64 32.34 13.20
CA VAL A 312 5.08 32.15 13.05
C VAL A 312 5.80 33.42 13.46
N GLY A 313 7.13 33.32 13.53
CA GLY A 313 7.97 34.47 13.76
C GLY A 313 8.05 35.35 12.54
N GLU A 314 8.70 36.51 12.73
CA GLU A 314 8.85 37.45 11.63
C GLU A 314 9.97 37.04 10.68
N GLN A 315 10.69 35.97 11.02
CA GLN A 315 11.60 35.33 10.08
C GLN A 315 10.88 34.88 8.83
N TYR A 316 9.64 34.44 8.97
CA TYR A 316 8.95 33.74 7.92
C TYR A 316 8.00 34.63 7.14
N GLN A 317 7.84 35.89 7.57
CA GLN A 317 6.92 36.81 6.91
C GLN A 317 7.38 37.14 5.50
N GLN A 318 8.70 37.16 5.29
CA GLN A 318 9.26 37.36 3.96
C GLN A 318 8.91 36.21 3.06
N LEU A 319 8.90 35.00 3.61
CA LEU A 319 8.34 33.86 2.90
C LEU A 319 6.82 34.00 2.81
N ARG A 320 6.20 34.44 3.90
CA ARG A 320 4.74 34.53 3.95
C ARG A 320 4.22 35.63 3.03
N GLU A 321 5.08 36.61 2.72
CA GLU A 321 4.72 37.60 1.70
C GLU A 321 4.68 36.98 0.31
N ALA A 322 5.82 36.43 -0.13
CA ALA A 322 5.96 36.06 -1.53
C ALA A 322 5.16 34.81 -1.87
N ALA A 323 4.78 34.04 -0.85
CA ALA A 323 3.96 32.85 -1.06
C ALA A 323 2.57 33.22 -1.56
N THR A 324 2.12 34.43 -1.23
CA THR A 324 0.99 35.00 -1.95
C THR A 324 1.40 35.35 -3.37
N GLU A 325 2.58 35.95 -3.52
CA GLU A 325 2.92 36.71 -4.71
C GLU A 325 3.10 35.80 -5.92
N ALA A 326 4.07 34.89 -5.85
CA ALA A 326 4.39 34.07 -7.01
C ALA A 326 3.28 33.06 -7.29
N GLU A 327 2.53 32.70 -6.25
CA GLU A 327 1.33 31.90 -6.47
C GLU A 327 0.28 32.71 -7.22
N LYS A 328 0.18 34.01 -6.93
CA LYS A 328 -0.65 34.85 -7.78
C LYS A 328 -0.03 34.97 -9.17
N GLN A 329 1.31 34.98 -9.25
CA GLN A 329 1.95 34.89 -10.56
C GLN A 329 1.72 33.52 -11.20
N LEU A 330 1.52 32.49 -10.39
CA LEU A 330 1.04 31.24 -10.95
C LEU A 330 -0.39 31.39 -11.45
N GLN A 331 -1.22 32.07 -10.67
CA GLN A 331 -2.60 32.32 -11.10
C GLN A 331 -2.64 33.28 -12.28
N GLN A 332 -1.65 34.17 -12.37
CA GLN A 332 -1.41 34.91 -13.61
C GLN A 332 -1.12 33.95 -14.76
N TYR A 333 -0.08 33.13 -14.59
CA TYR A 333 0.48 32.38 -15.70
C TYR A 333 -0.44 31.26 -16.15
N ALA A 334 -1.26 30.74 -15.23
CA ALA A 334 -2.10 29.60 -15.55
C ALA A 334 -3.21 29.97 -16.51
N GLU A 335 -4.11 30.85 -16.09
CA GLU A 335 -5.32 31.10 -16.87
C GLU A 335 -5.02 31.97 -18.08
N SER A 336 -3.88 32.66 -18.07
CA SER A 336 -3.38 33.26 -19.29
C SER A 336 -3.03 32.19 -20.32
N ARG A 337 -2.58 31.01 -19.86
CA ARG A 337 -2.33 29.91 -20.78
C ARG A 337 -3.56 29.03 -20.94
N GLU A 338 -4.36 28.89 -19.87
CA GLU A 338 -5.43 27.90 -19.86
C GLU A 338 -6.57 28.26 -20.80
N LEU A 339 -7.09 29.49 -20.67
CA LEU A 339 -8.36 29.87 -21.29
C LEU A 339 -8.31 29.93 -22.80
N ASP A 340 -7.08 29.92 -23.34
CA ASP A 340 -6.85 29.91 -24.78
C ASP A 340 -7.47 28.69 -25.44
N HIS A 341 -7.50 27.55 -24.75
CA HIS A 341 -8.04 26.36 -25.37
C HIS A 341 -9.53 26.22 -25.12
N LEU A 342 -10.08 27.01 -24.20
CA LEU A 342 -11.49 26.87 -23.86
C LEU A 342 -12.37 27.61 -24.87
N GLY A 343 -13.65 27.26 -24.87
CA GLY A 343 -14.54 27.66 -25.94
C GLY A 343 -15.21 29.00 -25.69
N LEU A 344 -14.68 30.05 -26.34
CA LEU A 344 -15.20 31.39 -26.25
C LEU A 344 -14.65 32.29 -27.35
N ASP A 345 -15.16 33.51 -27.43
CA ASP A 345 -14.63 34.48 -28.38
C ASP A 345 -13.33 35.05 -27.85
N ASP A 346 -12.47 35.48 -28.78
CA ASP A 346 -11.17 35.99 -28.39
C ASP A 346 -11.29 37.41 -27.86
N GLN A 347 -12.36 38.11 -28.23
CA GLN A 347 -12.67 39.36 -27.59
C GLN A 347 -13.17 39.12 -26.16
N GLU A 348 -13.94 38.05 -25.98
CA GLU A 348 -14.35 37.65 -24.64
C GLU A 348 -13.16 37.21 -23.82
N LYS A 349 -12.16 36.63 -24.49
CA LYS A 349 -10.87 36.39 -23.86
C LYS A 349 -10.24 37.69 -23.39
N LYS A 350 -10.20 38.70 -24.26
CA LYS A 350 -9.64 39.99 -23.91
C LYS A 350 -10.48 40.68 -22.85
N ILE A 351 -11.78 40.39 -22.83
CA ILE A 351 -12.58 40.76 -21.67
C ILE A 351 -12.09 40.03 -20.43
N LEU A 352 -11.96 38.71 -20.52
CA LEU A 352 -11.61 37.93 -19.34
C LEU A 352 -10.14 38.12 -18.96
N MET A 353 -9.31 38.48 -19.94
CA MET A 353 -7.96 38.95 -19.61
C MET A 353 -8.03 40.24 -18.81
N ASN A 354 -8.89 41.17 -19.25
CA ASN A 354 -9.08 42.40 -18.50
C ASN A 354 -9.78 42.12 -17.19
N PHE A 355 -10.78 41.23 -17.21
CA PHE A 355 -11.55 40.90 -16.01
C PHE A 355 -10.69 40.29 -14.93
N HIS A 356 -9.73 39.45 -15.32
CA HIS A 356 -8.82 38.90 -14.32
C HIS A 356 -7.80 39.94 -13.89
N GLN A 357 -7.52 40.92 -14.74
CA GLN A 357 -6.66 42.02 -14.32
C GLN A 357 -7.43 43.03 -13.48
N LYS A 358 -8.69 43.29 -13.83
CA LYS A 358 -9.46 44.27 -13.07
C LYS A 358 -9.84 43.74 -11.69
N LYS A 359 -9.95 42.42 -11.55
CA LYS A 359 -10.36 41.87 -10.25
C LYS A 359 -9.23 41.90 -9.25
N ASN A 360 -8.00 42.11 -9.72
CA ASN A 360 -6.87 42.20 -8.80
C ASN A 360 -6.28 43.60 -8.78
N GLU A 361 -6.84 44.51 -9.58
CA GLU A 361 -6.37 45.89 -9.75
C GLU A 361 -4.89 46.00 -10.12
N ARG B 15 26.13 -39.66 -15.57
CA ARG B 15 26.60 -39.27 -16.90
C ARG B 15 25.58 -39.73 -17.93
N VAL B 16 25.51 -41.03 -18.14
CA VAL B 16 24.52 -41.65 -19.01
C VAL B 16 23.31 -41.99 -18.17
N ILE B 17 22.14 -41.55 -18.60
CA ILE B 17 20.89 -41.75 -17.87
C ILE B 17 20.02 -42.67 -18.73
N PRO B 18 19.53 -43.78 -18.21
CA PRO B 18 18.82 -44.74 -19.06
C PRO B 18 17.42 -44.27 -19.44
N VAL B 19 17.06 -44.50 -20.69
CA VAL B 19 15.72 -44.22 -21.19
C VAL B 19 14.91 -45.52 -21.14
N TYR B 20 13.67 -45.41 -20.69
CA TYR B 20 12.83 -46.57 -20.46
C TYR B 20 11.86 -46.77 -21.60
N GLN B 21 11.95 -47.92 -22.26
CA GLN B 21 10.99 -48.30 -23.28
C GLN B 21 9.94 -49.17 -22.61
N VAL B 22 8.77 -48.59 -22.39
CA VAL B 22 7.67 -49.28 -21.71
C VAL B 22 6.37 -48.66 -22.18
N ASN B 23 5.33 -49.48 -22.29
CA ASN B 23 4.00 -49.02 -22.64
C ASN B 23 3.22 -48.80 -21.35
N ASN B 24 1.94 -48.45 -21.49
CA ASN B 24 1.02 -48.13 -20.39
C ASN B 24 1.59 -47.00 -19.56
N LEU B 25 1.98 -45.92 -20.23
CA LEU B 25 2.61 -44.78 -19.56
C LEU B 25 1.61 -44.01 -18.72
N GLU B 26 0.33 -44.12 -19.05
CA GLU B 26 -0.73 -43.53 -18.25
C GLU B 26 -0.75 -44.11 -16.85
N GLU B 27 -0.50 -45.42 -16.75
CA GLU B 27 -0.27 -46.04 -15.45
C GLU B 27 1.02 -45.52 -14.82
N ILE B 28 2.06 -45.34 -15.64
CA ILE B 28 3.38 -44.99 -15.13
C ILE B 28 3.39 -43.61 -14.52
N CYS B 29 2.80 -42.64 -15.21
CA CYS B 29 2.87 -41.24 -14.77
C CYS B 29 2.07 -41.03 -13.50
N GLN B 30 0.99 -41.79 -13.32
CA GLN B 30 0.20 -41.66 -12.10
C GLN B 30 0.97 -42.15 -10.88
N LEU B 31 1.78 -43.18 -11.05
CA LEU B 31 2.58 -43.66 -9.93
C LEU B 31 3.74 -42.72 -9.64
N ILE B 32 4.18 -41.97 -10.65
CA ILE B 32 5.13 -40.90 -10.41
C ILE B 32 4.46 -39.76 -9.65
N ILE B 33 3.18 -39.52 -9.94
CA ILE B 33 2.38 -38.59 -9.14
C ILE B 33 2.21 -39.14 -7.72
N GLN B 34 2.03 -40.47 -7.62
CA GLN B 34 1.93 -41.10 -6.31
C GLN B 34 3.22 -40.97 -5.50
N ALA B 35 4.34 -40.81 -6.18
CA ALA B 35 5.60 -40.63 -5.47
C ALA B 35 5.65 -39.27 -4.77
N PHE B 36 5.49 -38.19 -5.53
CA PHE B 36 5.81 -36.89 -4.97
C PHE B 36 4.63 -36.28 -4.23
N GLU B 37 3.43 -36.82 -4.43
CA GLU B 37 2.35 -36.48 -3.51
C GLU B 37 2.59 -37.11 -2.15
N ALA B 38 3.18 -38.31 -2.12
CA ALA B 38 3.65 -38.87 -0.87
C ALA B 38 4.90 -38.14 -0.39
N GLY B 39 5.64 -37.53 -1.30
CA GLY B 39 6.79 -36.71 -0.95
C GLY B 39 8.11 -37.44 -0.84
N VAL B 40 8.22 -38.63 -1.43
CA VAL B 40 9.49 -39.35 -1.40
C VAL B 40 10.47 -38.69 -2.34
N ASP B 41 11.72 -38.57 -1.90
CA ASP B 41 12.72 -37.80 -2.61
C ASP B 41 13.78 -38.72 -3.22
N PHE B 42 14.13 -38.46 -4.48
CA PHE B 42 15.15 -39.23 -5.15
C PHE B 42 16.03 -38.30 -5.96
N GLN B 43 17.29 -38.69 -6.10
CA GLN B 43 18.23 -37.98 -6.95
C GLN B 43 18.78 -38.94 -7.98
N GLU B 44 18.34 -40.20 -7.90
CA GLU B 44 18.78 -41.24 -8.81
C GLU B 44 17.64 -41.81 -9.63
N SER B 45 16.58 -42.28 -8.97
CA SER B 45 15.48 -42.93 -9.68
C SER B 45 14.52 -41.93 -10.30
N ALA B 46 14.32 -40.78 -9.66
CA ALA B 46 13.41 -39.78 -10.19
C ALA B 46 14.02 -39.04 -11.38
N ASP B 47 15.30 -39.30 -11.68
CA ASP B 47 15.91 -38.80 -12.91
C ASP B 47 15.16 -39.30 -14.12
N SER B 48 15.11 -40.62 -14.29
CA SER B 48 14.48 -41.20 -15.47
C SER B 48 12.96 -41.15 -15.38
N PHE B 49 12.43 -40.97 -14.17
CA PHE B 49 10.98 -40.98 -13.97
C PHE B 49 10.33 -39.76 -14.62
N LEU B 50 10.92 -38.59 -14.42
CA LEU B 50 10.30 -37.37 -14.93
C LEU B 50 10.53 -37.22 -16.42
N LEU B 51 11.52 -37.94 -16.95
CA LEU B 51 11.74 -37.96 -18.40
C LEU B 51 10.58 -38.64 -19.12
N MET B 52 9.92 -39.57 -18.43
CA MET B 52 8.75 -40.24 -19.00
C MET B 52 7.59 -39.27 -19.12
N LEU B 53 7.55 -38.25 -18.26
CA LEU B 53 6.47 -37.27 -18.30
C LEU B 53 6.58 -36.40 -19.54
N CYS B 54 7.80 -36.09 -19.96
CA CYS B 54 8.00 -35.45 -21.25
C CYS B 54 7.58 -36.38 -22.38
N LEU B 55 7.88 -37.67 -22.23
CA LEU B 55 7.54 -38.64 -23.25
C LEU B 55 6.03 -38.82 -23.40
N HIS B 56 5.35 -39.12 -22.28
CA HIS B 56 3.92 -39.42 -22.35
C HIS B 56 3.10 -38.19 -22.67
N HIS B 57 3.33 -37.08 -21.95
CA HIS B 57 2.56 -35.88 -22.23
C HIS B 57 3.06 -35.13 -23.46
N ALA B 58 4.29 -34.64 -23.40
CA ALA B 58 4.74 -33.70 -24.42
C ALA B 58 5.11 -34.41 -25.71
N TYR B 59 5.88 -35.50 -25.62
CA TYR B 59 6.25 -36.27 -26.80
C TYR B 59 5.17 -37.25 -27.22
N GLN B 60 4.03 -37.28 -26.52
CA GLN B 60 2.84 -38.08 -26.80
C GLN B 60 3.14 -39.57 -26.80
N GLY B 61 4.14 -40.02 -26.04
CA GLY B 61 4.52 -41.41 -26.03
C GLY B 61 5.46 -41.84 -27.13
N ASP B 62 5.82 -40.93 -28.03
CA ASP B 62 6.61 -41.28 -29.20
C ASP B 62 8.09 -41.35 -28.82
N TYR B 63 8.64 -42.57 -28.84
CA TYR B 63 10.05 -42.75 -28.49
C TYR B 63 10.97 -42.09 -29.50
N LYS B 64 10.57 -42.09 -30.77
CA LYS B 64 11.43 -41.55 -31.81
C LYS B 64 11.47 -40.03 -31.74
N LEU B 65 10.31 -39.41 -31.51
CA LEU B 65 10.24 -37.96 -31.35
C LEU B 65 11.00 -37.50 -30.12
N PHE B 66 10.99 -38.31 -29.07
CA PHE B 66 11.90 -38.12 -27.95
C PHE B 66 13.35 -38.28 -28.40
N LEU B 67 13.61 -39.29 -29.23
CA LEU B 67 14.96 -39.57 -29.67
C LEU B 67 15.48 -38.55 -30.67
N GLU B 68 14.64 -38.08 -31.58
CA GLU B 68 15.10 -37.23 -32.67
C GLU B 68 15.20 -35.76 -32.29
N SER B 69 14.99 -35.43 -31.02
CA SER B 69 15.05 -34.03 -30.59
C SER B 69 16.48 -33.51 -30.59
N GLY B 70 16.70 -32.42 -31.31
CA GLY B 70 18.01 -31.82 -31.46
C GLY B 70 18.59 -31.29 -30.16
N ALA B 71 17.71 -30.90 -29.25
CA ALA B 71 18.16 -30.50 -27.92
C ALA B 71 18.65 -31.71 -27.14
N VAL B 72 18.02 -32.87 -27.35
CA VAL B 72 18.55 -34.10 -26.78
C VAL B 72 19.85 -34.47 -27.49
N LYS B 73 19.93 -34.16 -28.78
CA LYS B 73 21.21 -34.27 -29.49
C LYS B 73 22.19 -33.21 -28.98
N TYR B 74 21.67 -32.05 -28.57
CA TYR B 74 22.50 -31.08 -27.87
C TYR B 74 22.80 -31.55 -26.46
N LEU B 75 21.93 -32.39 -25.90
CA LEU B 75 22.17 -32.97 -24.59
C LEU B 75 23.14 -34.14 -24.66
N GLU B 76 22.86 -35.12 -25.54
CA GLU B 76 23.76 -36.25 -25.70
C GLU B 76 25.06 -35.84 -26.36
N GLY B 77 25.05 -34.72 -27.08
CA GLY B 77 26.29 -34.18 -27.61
C GLY B 77 27.22 -33.61 -26.56
N HIS B 78 26.73 -33.47 -25.33
CA HIS B 78 27.58 -32.93 -24.27
C HIS B 78 28.04 -34.03 -23.32
N GLY B 79 27.28 -35.11 -23.23
CA GLY B 79 27.71 -36.22 -22.39
C GLY B 79 26.57 -36.92 -21.67
N PHE B 80 25.39 -36.32 -21.68
CA PHE B 80 24.25 -36.91 -20.99
C PHE B 80 23.52 -37.80 -21.99
N ARG B 81 23.91 -39.07 -22.00
CA ARG B 81 23.48 -40.03 -23.00
C ARG B 81 22.35 -40.90 -22.47
N PHE B 82 21.70 -41.61 -23.39
CA PHE B 82 20.55 -42.45 -23.06
C PHE B 82 20.79 -43.87 -23.54
N GLU B 83 20.04 -44.79 -22.95
CA GLU B 83 20.16 -46.21 -23.28
C GLU B 83 18.83 -46.89 -22.97
N VAL B 84 18.38 -47.72 -23.89
CA VAL B 84 16.99 -48.19 -23.92
C VAL B 84 16.82 -49.36 -22.97
N LYS B 85 15.74 -49.33 -22.18
CA LYS B 85 15.43 -50.40 -21.24
C LYS B 85 14.04 -50.95 -21.57
N LYS B 86 14.00 -52.22 -21.96
CA LYS B 86 12.73 -52.91 -22.25
C LYS B 86 12.08 -53.28 -20.93
N ARG B 87 10.87 -52.79 -20.70
CA ARG B 87 10.13 -53.07 -19.48
C ARG B 87 8.70 -53.47 -19.83
N ASP B 88 8.18 -54.46 -19.08
CA ASP B 88 6.79 -54.88 -19.33
C ASP B 88 6.02 -55.20 -18.05
N GLY B 89 6.58 -54.97 -16.88
CA GLY B 89 5.97 -55.40 -15.63
C GLY B 89 5.18 -54.33 -14.91
N VAL B 90 4.29 -53.63 -15.61
CA VAL B 90 3.71 -52.39 -15.10
C VAL B 90 2.71 -52.68 -13.98
N LYS B 91 3.20 -52.59 -12.74
CA LYS B 91 2.39 -52.68 -11.54
C LYS B 91 2.90 -51.63 -10.56
N ARG B 92 4.11 -51.16 -10.80
CA ARG B 92 4.89 -50.41 -9.84
C ARG B 92 6.13 -49.88 -10.53
N LEU B 93 6.73 -48.85 -9.94
CA LEU B 93 7.90 -48.20 -10.50
C LEU B 93 9.19 -48.86 -10.03
N GLU B 94 9.12 -50.03 -9.41
CA GLU B 94 10.26 -50.65 -8.77
C GLU B 94 11.07 -51.52 -9.72
N GLU B 95 10.56 -51.84 -10.90
CA GLU B 95 11.37 -52.41 -11.96
C GLU B 95 12.13 -51.35 -12.73
N LEU B 96 11.93 -50.08 -12.37
CA LEU B 96 12.41 -48.95 -13.16
C LEU B 96 13.56 -48.23 -12.45
N LEU B 97 14.43 -48.97 -11.81
CA LEU B 97 15.41 -48.30 -10.96
C LEU B 97 16.80 -48.46 -11.53
N PRO B 98 17.49 -47.38 -11.87
CA PRO B 98 18.85 -47.47 -12.42
C PRO B 98 19.94 -47.66 -11.36
N ALA B 99 19.58 -47.78 -10.08
CA ALA B 99 20.56 -47.90 -9.03
C ALA B 99 20.50 -49.31 -8.45
N VAL B 100 21.68 -49.85 -8.14
CA VAL B 100 21.78 -51.19 -7.57
C VAL B 100 22.24 -51.05 -6.13
N SER B 101 23.06 -50.03 -5.87
CA SER B 101 23.61 -49.84 -4.52
C SER B 101 22.55 -49.28 -3.57
N SER B 102 22.05 -48.08 -3.86
CA SER B 102 21.00 -47.47 -3.05
C SER B 102 19.61 -47.73 -3.62
N GLY B 103 19.52 -48.59 -4.63
CA GLY B 103 18.22 -48.92 -5.20
C GLY B 103 17.36 -49.73 -4.26
N LYS B 104 17.99 -50.46 -3.33
CA LYS B 104 17.25 -51.09 -2.25
C LYS B 104 16.62 -50.06 -1.33
N ASN B 105 17.34 -48.97 -1.05
CA ASN B 105 16.82 -47.91 -0.20
C ASN B 105 15.73 -47.12 -0.94
N ILE B 106 15.77 -47.17 -2.27
CA ILE B 106 14.68 -46.61 -3.07
C ILE B 106 13.42 -47.45 -2.89
N LYS B 107 13.56 -48.77 -2.93
CA LYS B 107 12.42 -49.68 -2.82
C LYS B 107 11.77 -49.62 -1.43
N ARG B 108 12.56 -49.28 -0.41
CA ARG B 108 12.00 -49.13 0.93
C ARG B 108 11.06 -47.93 1.00
N THR B 109 11.39 -46.87 0.26
CA THR B 109 10.53 -45.69 0.24
C THR B 109 9.32 -45.89 -0.67
N LEU B 110 9.47 -46.71 -1.71
CA LEU B 110 8.37 -46.89 -2.66
C LEU B 110 7.29 -47.80 -2.12
N ALA B 111 7.67 -48.80 -1.32
CA ALA B 111 6.69 -49.74 -0.78
C ALA B 111 5.90 -49.11 0.35
N ALA B 112 6.44 -48.06 0.99
CA ALA B 112 5.73 -47.40 2.07
C ALA B 112 4.54 -46.60 1.56
N MET B 113 4.62 -46.07 0.38
CA MET B 113 3.52 -45.35 -0.23
C MET B 113 2.75 -46.29 -1.15
N PRO B 114 1.46 -46.05 -1.41
CA PRO B 114 0.68 -47.01 -2.22
C PRO B 114 1.07 -47.03 -3.69
N GLU B 115 1.44 -48.22 -4.17
CA GLU B 115 1.70 -48.47 -5.57
C GLU B 115 0.42 -48.66 -6.38
N GLU B 116 -0.75 -48.56 -5.75
CA GLU B 116 -2.00 -48.99 -6.36
C GLU B 116 -3.06 -47.89 -6.45
N GLU B 117 -2.68 -46.63 -6.53
CA GLU B 117 -3.62 -45.53 -6.62
C GLU B 117 -3.34 -44.71 -7.86
N THR B 118 -4.37 -44.09 -8.41
CA THR B 118 -4.23 -43.08 -9.45
C THR B 118 -4.87 -41.77 -8.99
N THR B 119 -4.51 -40.70 -9.67
CA THR B 119 -5.01 -39.37 -9.35
C THR B 119 -5.74 -38.78 -10.55
N GLU B 120 -6.40 -37.65 -10.30
CA GLU B 120 -7.09 -36.89 -11.35
C GLU B 120 -6.16 -35.92 -12.06
N ALA B 121 -4.85 -36.10 -11.92
CA ALA B 121 -3.86 -35.26 -12.57
C ALA B 121 -3.14 -36.12 -13.60
N ASN B 122 -2.72 -35.52 -14.70
CA ASN B 122 -1.92 -36.25 -15.68
C ASN B 122 -0.44 -35.89 -15.53
N ALA B 123 0.35 -36.34 -16.51
CA ALA B 123 1.72 -35.89 -16.62
C ALA B 123 1.78 -34.41 -17.01
N GLY B 124 0.77 -33.96 -17.74
CA GLY B 124 0.76 -32.58 -18.23
C GLY B 124 0.58 -31.56 -17.13
N GLN B 125 -0.29 -31.86 -16.16
CA GLN B 125 -0.52 -30.92 -15.06
C GLN B 125 0.73 -30.77 -14.20
N PHE B 126 1.37 -31.89 -13.88
CA PHE B 126 2.41 -31.87 -12.86
C PHE B 126 3.70 -31.25 -13.39
N LEU B 127 3.99 -31.44 -14.68
CA LEU B 127 5.08 -30.71 -15.31
C LEU B 127 4.79 -29.21 -15.34
N SER B 128 3.57 -28.84 -15.68
CA SER B 128 3.17 -27.44 -15.64
C SER B 128 3.11 -26.94 -14.21
N PHE B 129 2.73 -27.82 -13.29
CA PHE B 129 2.82 -27.49 -11.87
C PHE B 129 4.27 -27.31 -11.44
N ALA B 130 5.17 -28.08 -12.03
CA ALA B 130 6.59 -27.89 -11.78
C ALA B 130 7.12 -26.67 -12.51
N SER B 131 6.45 -26.28 -13.60
CA SER B 131 6.89 -25.13 -14.39
C SER B 131 6.71 -23.84 -13.62
N LEU B 132 5.79 -23.84 -12.66
CA LEU B 132 5.54 -22.74 -11.74
C LEU B 132 6.80 -22.39 -10.95
N PHE B 133 7.61 -23.39 -10.67
CA PHE B 133 8.80 -23.21 -9.87
C PHE B 133 9.97 -22.68 -10.68
N LEU B 134 9.83 -22.57 -11.99
CA LEU B 134 10.98 -22.24 -12.83
C LEU B 134 11.45 -20.79 -12.76
N PRO B 135 10.63 -19.74 -13.00
CA PRO B 135 11.23 -18.41 -13.19
C PRO B 135 11.74 -17.73 -11.92
N LYS B 136 11.75 -18.42 -10.78
CA LYS B 136 12.36 -17.84 -9.58
C LYS B 136 13.21 -18.86 -8.83
N LEU B 137 13.93 -19.73 -9.53
CA LEU B 137 14.67 -20.80 -8.85
C LEU B 137 15.91 -20.26 -8.13
N VAL B 138 16.58 -19.27 -8.71
CA VAL B 138 17.79 -18.73 -8.11
C VAL B 138 17.46 -17.75 -6.98
N VAL B 139 16.19 -17.42 -6.77
CA VAL B 139 15.79 -16.48 -5.75
C VAL B 139 15.78 -17.10 -4.37
N GLY B 140 15.24 -18.29 -4.22
CA GLY B 140 15.08 -18.87 -2.91
C GLY B 140 13.75 -19.58 -2.76
N GLU B 141 13.60 -20.28 -1.63
CA GLU B 141 12.41 -21.09 -1.33
C GLU B 141 11.15 -20.22 -1.27
N LYS B 142 11.25 -19.07 -0.63
CA LYS B 142 10.07 -18.31 -0.27
C LYS B 142 9.49 -17.57 -1.46
N ALA B 143 10.27 -16.66 -2.04
CA ALA B 143 9.73 -15.71 -3.01
C ALA B 143 9.38 -16.39 -4.33
N CYS B 144 9.98 -17.55 -4.58
CA CYS B 144 9.50 -18.40 -5.66
C CYS B 144 8.11 -18.91 -5.35
N LEU B 145 7.94 -19.50 -4.16
CA LEU B 145 6.66 -20.08 -3.78
C LEU B 145 5.61 -19.01 -3.59
N GLU B 146 6.04 -17.81 -3.17
CA GLU B 146 5.16 -16.65 -3.18
C GLU B 146 4.69 -16.33 -4.59
N LYS B 147 5.62 -16.31 -5.55
CA LYS B 147 5.26 -16.11 -6.95
C LYS B 147 4.42 -17.28 -7.46
N VAL B 148 4.67 -18.48 -6.93
CA VAL B 148 3.78 -19.60 -7.20
C VAL B 148 2.40 -19.33 -6.62
N GLN B 149 2.36 -18.83 -5.38
CA GLN B 149 1.07 -18.47 -4.77
C GLN B 149 0.43 -17.29 -5.47
N ARG B 150 1.24 -16.46 -6.15
CA ARG B 150 0.67 -15.52 -7.10
C ARG B 150 0.09 -16.26 -8.30
N GLN B 151 0.87 -17.14 -8.92
CA GLN B 151 0.47 -17.74 -10.18
C GLN B 151 -0.65 -18.76 -10.01
N ILE B 152 -0.87 -19.23 -8.78
CA ILE B 152 -2.10 -19.97 -8.49
C ILE B 152 -3.31 -19.07 -8.72
N GLN B 153 -3.22 -17.83 -8.25
CA GLN B 153 -4.34 -16.90 -8.42
C GLN B 153 -4.25 -16.13 -9.72
N VAL B 154 -3.04 -16.01 -10.29
CA VAL B 154 -2.89 -15.36 -11.59
C VAL B 154 -3.53 -16.21 -12.69
N HIS B 155 -3.23 -17.52 -12.68
CA HIS B 155 -3.86 -18.41 -13.64
C HIS B 155 -5.32 -18.65 -13.31
N ALA B 156 -5.72 -18.36 -12.07
CA ALA B 156 -7.15 -18.30 -11.75
C ALA B 156 -7.79 -17.09 -12.41
N GLU B 157 -7.07 -15.97 -12.49
CA GLU B 157 -7.57 -14.82 -13.23
C GLU B 157 -7.52 -15.10 -14.73
N GLN B 158 -6.57 -15.92 -15.16
CA GLN B 158 -6.63 -16.49 -16.50
C GLN B 158 -7.79 -17.46 -16.63
N GLY B 159 -8.16 -18.09 -15.52
CA GLY B 159 -9.18 -19.12 -15.53
C GLY B 159 -8.71 -20.41 -16.13
N LEU B 160 -7.40 -20.61 -16.23
CA LEU B 160 -6.82 -21.77 -16.88
C LEU B 160 -6.80 -22.93 -15.89
N ILE B 161 -6.04 -23.97 -16.23
CA ILE B 161 -5.97 -25.25 -15.51
C ILE B 161 -5.70 -25.08 -14.03
N GLN B 162 -6.55 -25.70 -13.22
CA GLN B 162 -6.52 -25.50 -11.78
C GLN B 162 -5.94 -26.72 -11.09
N TYR B 163 -5.67 -26.56 -9.82
CA TYR B 163 -4.83 -27.53 -9.17
C TYR B 163 -5.57 -28.23 -8.04
N PRO B 164 -5.15 -29.45 -7.69
CA PRO B 164 -5.61 -30.04 -6.43
C PRO B 164 -5.14 -29.25 -5.23
N THR B 165 -5.95 -29.22 -4.17
CA THR B 165 -5.53 -28.65 -2.90
C THR B 165 -4.43 -29.44 -2.23
N ALA B 166 -4.26 -30.72 -2.59
CA ALA B 166 -3.08 -31.48 -2.19
C ALA B 166 -1.82 -30.93 -2.83
N TRP B 167 -1.94 -30.25 -3.96
CA TRP B 167 -0.81 -29.54 -4.55
C TRP B 167 -0.62 -28.17 -3.96
N GLN B 168 -1.56 -27.69 -3.16
CA GLN B 168 -1.38 -26.47 -2.39
C GLN B 168 -0.62 -26.71 -1.10
N SER B 169 -0.25 -27.96 -0.81
CA SER B 169 0.49 -28.27 0.40
C SER B 169 1.93 -27.74 0.30
N VAL B 170 2.42 -27.27 1.45
CA VAL B 170 3.74 -26.64 1.50
C VAL B 170 4.84 -27.67 1.24
N GLY B 171 4.87 -28.74 2.05
CA GLY B 171 5.93 -29.73 1.92
C GLY B 171 5.84 -30.53 0.63
N HIS B 172 4.64 -30.59 0.05
CA HIS B 172 4.52 -31.00 -1.35
C HIS B 172 5.35 -30.10 -2.26
N MET B 173 5.13 -28.79 -2.18
CA MET B 173 5.78 -27.87 -3.09
C MET B 173 7.24 -27.66 -2.72
N MET B 174 7.57 -27.82 -1.43
CA MET B 174 8.96 -27.68 -1.00
C MET B 174 9.86 -28.75 -1.58
N VAL B 175 9.30 -29.96 -1.78
CA VAL B 175 10.00 -31.02 -2.48
C VAL B 175 10.36 -30.58 -3.89
N ILE B 176 9.42 -29.93 -4.58
CA ILE B 176 9.54 -29.73 -6.01
C ILE B 176 10.59 -28.68 -6.33
N PHE B 177 10.64 -27.62 -5.53
CA PHE B 177 11.69 -26.63 -5.65
C PHE B 177 13.06 -27.25 -5.38
N ARG B 178 13.11 -28.15 -4.40
CA ARG B 178 14.31 -28.95 -4.21
C ARG B 178 14.51 -29.92 -5.36
N LEU B 179 13.42 -30.44 -5.91
CA LEU B 179 13.53 -31.41 -6.99
C LEU B 179 14.03 -30.76 -8.27
N MET B 180 13.60 -29.53 -8.54
CA MET B 180 14.07 -28.85 -9.73
C MET B 180 15.46 -28.27 -9.52
N ARG B 181 15.87 -28.16 -8.25
CA ARG B 181 17.25 -27.84 -7.95
C ARG B 181 18.17 -29.00 -8.33
N THR B 182 17.64 -30.23 -8.27
CA THR B 182 18.46 -31.38 -8.60
C THR B 182 18.71 -31.50 -10.10
N ASN B 183 17.66 -31.67 -10.89
CA ASN B 183 17.81 -32.12 -12.26
C ASN B 183 18.12 -30.97 -13.20
N PHE B 184 19.31 -31.03 -13.80
CA PHE B 184 19.72 -30.20 -14.93
C PHE B 184 18.84 -30.47 -16.14
N LEU B 185 18.49 -31.74 -16.33
CA LEU B 185 17.86 -32.20 -17.56
C LEU B 185 16.40 -31.79 -17.63
N ILE B 186 15.66 -32.04 -16.56
CA ILE B 186 14.20 -31.90 -16.64
C ILE B 186 13.81 -30.43 -16.60
N LYS B 187 14.74 -29.57 -16.17
CA LYS B 187 14.59 -28.15 -16.47
C LYS B 187 14.76 -27.92 -17.97
N PHE B 188 15.82 -28.52 -18.55
CA PHE B 188 16.26 -28.16 -19.89
C PHE B 188 15.27 -28.63 -20.94
N LEU B 189 14.57 -29.71 -20.69
CA LEU B 189 13.57 -30.17 -21.65
C LEU B 189 12.29 -29.39 -21.50
N LEU B 190 11.94 -29.03 -20.27
CA LEU B 190 10.69 -28.34 -20.01
C LEU B 190 10.74 -26.92 -20.55
N ILE B 191 11.93 -26.31 -20.53
CA ILE B 191 12.08 -25.01 -21.17
C ILE B 191 12.16 -25.17 -22.68
N HIS B 192 12.60 -26.34 -23.15
CA HIS B 192 12.63 -26.58 -24.58
C HIS B 192 11.22 -26.77 -25.12
N GLN B 193 10.31 -27.24 -24.28
CA GLN B 193 8.91 -27.36 -24.68
C GLN B 193 8.30 -25.99 -24.92
N GLY B 194 8.80 -24.97 -24.21
CA GLY B 194 8.23 -23.64 -24.33
C GLY B 194 8.57 -22.97 -25.64
N MET B 195 9.84 -22.66 -25.85
CA MET B 195 10.21 -21.72 -26.91
C MET B 195 10.25 -22.40 -28.28
N HIS B 196 10.44 -23.71 -28.32
CA HIS B 196 10.85 -24.33 -29.57
C HIS B 196 9.62 -24.75 -30.36
N MET B 197 8.84 -25.67 -29.81
CA MET B 197 7.52 -25.93 -30.36
C MET B 197 6.55 -24.84 -29.90
N VAL B 198 5.57 -24.54 -30.75
CA VAL B 198 4.55 -23.56 -30.38
C VAL B 198 3.59 -24.20 -29.38
N ALA B 199 3.26 -23.45 -28.33
CA ALA B 199 2.48 -23.99 -27.23
C ALA B 199 1.27 -23.12 -27.00
N GLY B 200 0.55 -23.40 -25.91
CA GLY B 200 -0.69 -22.69 -25.63
C GLY B 200 -1.87 -23.46 -26.16
N HIS B 201 -1.58 -24.48 -26.97
CA HIS B 201 -2.62 -25.35 -27.49
C HIS B 201 -3.20 -26.21 -26.38
N ASP B 202 -2.40 -26.49 -25.36
CA ASP B 202 -2.84 -27.17 -24.16
C ASP B 202 -2.75 -26.21 -22.98
N ALA B 203 -3.73 -26.31 -22.07
CA ALA B 203 -3.76 -25.45 -20.90
C ALA B 203 -2.61 -25.77 -19.96
N ASN B 204 -2.14 -27.02 -19.99
CA ASN B 204 -0.91 -27.36 -19.30
C ASN B 204 0.28 -26.67 -19.97
N ASP B 205 0.36 -26.79 -21.29
CA ASP B 205 1.49 -26.24 -22.03
C ASP B 205 1.45 -24.71 -22.07
N ALA B 206 0.26 -24.13 -21.90
CA ALA B 206 0.15 -22.69 -21.86
C ALA B 206 0.78 -22.12 -20.59
N VAL B 207 0.58 -22.81 -19.46
CA VAL B 207 1.25 -22.44 -18.22
C VAL B 207 2.76 -22.59 -18.39
N ILE B 208 3.17 -23.67 -19.07
CA ILE B 208 4.56 -23.84 -19.48
C ILE B 208 4.99 -22.69 -20.37
N SER B 209 4.15 -22.33 -21.34
CA SER B 209 4.46 -21.21 -22.21
C SER B 209 4.48 -19.90 -21.44
N ASN B 210 3.64 -19.78 -20.41
CA ASN B 210 3.73 -18.65 -19.50
C ASN B 210 5.00 -18.73 -18.68
N SER B 211 5.37 -19.93 -18.25
CA SER B 211 6.51 -20.10 -17.36
C SER B 211 7.82 -19.78 -18.06
N VAL B 212 7.95 -20.23 -19.31
CA VAL B 212 9.17 -20.02 -20.08
C VAL B 212 9.38 -18.54 -20.36
N ALA B 213 8.29 -17.83 -20.70
CA ALA B 213 8.38 -16.40 -20.95
C ALA B 213 8.75 -15.65 -19.68
N GLN B 214 8.27 -16.12 -18.53
CA GLN B 214 8.71 -15.53 -17.27
C GLN B 214 10.13 -15.99 -16.93
N ALA B 215 10.53 -17.18 -17.36
CA ALA B 215 11.87 -17.66 -17.05
C ALA B 215 12.94 -17.07 -17.95
N ARG B 216 12.57 -16.14 -18.83
CA ARG B 216 13.56 -15.46 -19.64
C ARG B 216 14.39 -14.52 -18.77
N PHE B 217 15.67 -14.89 -18.60
CA PHE B 217 16.69 -14.10 -17.91
C PHE B 217 16.32 -13.88 -16.45
N SER B 218 15.86 -14.94 -15.80
CA SER B 218 15.50 -14.91 -14.39
C SER B 218 16.76 -14.72 -13.57
N GLY B 219 16.78 -13.71 -12.71
CA GLY B 219 17.97 -13.34 -11.99
C GLY B 219 19.05 -12.73 -12.84
N LEU B 220 18.71 -12.28 -14.05
CA LEU B 220 19.69 -11.87 -15.03
C LEU B 220 19.37 -10.53 -15.66
N LEU B 221 18.36 -9.80 -15.16
CA LEU B 221 17.99 -8.55 -15.80
C LEU B 221 18.99 -7.46 -15.47
N ILE B 222 19.79 -7.69 -14.42
CA ILE B 222 21.08 -7.01 -14.29
C ILE B 222 21.87 -7.18 -15.57
N VAL B 223 22.12 -8.44 -15.95
CA VAL B 223 22.94 -8.75 -17.10
C VAL B 223 22.19 -8.38 -18.38
N LYS B 224 20.89 -8.70 -18.44
CA LYS B 224 20.15 -8.64 -19.70
C LYS B 224 19.97 -7.22 -20.16
N THR B 225 19.73 -6.30 -19.21
CA THR B 225 19.56 -4.91 -19.60
C THR B 225 20.87 -4.26 -20.02
N VAL B 226 22.00 -4.81 -19.60
CA VAL B 226 23.29 -4.23 -19.97
C VAL B 226 23.50 -4.31 -21.47
N LEU B 227 23.26 -5.48 -22.05
CA LEU B 227 23.28 -5.64 -23.50
C LEU B 227 22.21 -4.77 -24.15
N ASP B 228 21.11 -4.55 -23.46
CA ASP B 228 20.08 -3.64 -23.96
C ASP B 228 20.56 -2.20 -23.91
N HIS B 229 21.42 -1.87 -22.96
CA HIS B 229 21.67 -0.46 -22.70
C HIS B 229 23.12 -0.05 -22.95
N ILE B 230 24.08 -0.87 -22.54
CA ILE B 230 25.47 -0.56 -22.85
C ILE B 230 25.75 -0.77 -24.33
N LEU B 231 25.34 -1.91 -24.87
CA LEU B 231 25.43 -2.06 -26.31
C LEU B 231 24.33 -1.24 -26.98
N GLN B 232 24.73 -0.43 -27.94
CA GLN B 232 23.82 0.53 -28.55
C GLN B 232 23.34 -0.02 -29.88
N LYS B 233 22.07 -0.40 -29.94
CA LYS B 233 21.50 -0.96 -31.15
C LYS B 233 21.34 0.11 -32.22
N THR B 234 21.98 -0.13 -33.36
CA THR B 234 21.88 0.75 -34.52
C THR B 234 21.66 -0.17 -35.71
N GLU B 235 21.59 0.40 -36.91
CA GLU B 235 21.42 -0.36 -38.14
C GLU B 235 22.73 -0.95 -38.67
N ARG B 236 23.77 -1.02 -37.85
CA ARG B 236 25.01 -1.64 -38.29
C ARG B 236 25.59 -2.52 -37.20
N GLY B 237 24.79 -2.80 -36.17
CA GLY B 237 25.19 -3.70 -35.11
C GLY B 237 24.89 -3.09 -33.75
N VAL B 238 25.73 -3.46 -32.78
CA VAL B 238 25.64 -2.93 -31.44
C VAL B 238 26.97 -2.31 -31.06
N ARG B 239 26.91 -1.13 -30.43
CA ARG B 239 28.10 -0.32 -30.21
C ARG B 239 28.05 0.32 -28.84
N LEU B 240 29.05 1.16 -28.57
CA LEU B 240 29.24 1.72 -27.24
C LEU B 240 28.18 2.75 -26.88
N HIS B 241 27.70 2.64 -25.66
CA HIS B 241 26.92 3.68 -25.00
C HIS B 241 27.84 4.86 -24.70
N PRO B 242 27.29 6.08 -24.60
CA PRO B 242 28.14 7.22 -24.15
C PRO B 242 28.82 7.05 -22.80
N LEU B 243 28.22 6.36 -21.84
CA LEU B 243 28.96 6.01 -20.64
C LEU B 243 29.90 4.84 -20.90
N ALA B 244 29.62 4.03 -21.91
CA ALA B 244 30.50 2.92 -22.21
C ALA B 244 31.77 3.40 -22.91
N ARG B 245 31.75 4.60 -23.48
CA ARG B 245 32.91 5.11 -24.19
C ARG B 245 34.02 5.58 -23.26
N THR B 246 33.81 5.63 -21.95
CA THR B 246 34.89 6.03 -21.08
C THR B 246 35.75 4.85 -20.68
N ALA B 247 36.97 5.16 -20.24
CA ALA B 247 37.86 4.15 -19.73
C ALA B 247 37.68 3.90 -18.25
N LYS B 248 36.77 4.64 -17.60
CA LYS B 248 36.62 4.56 -16.15
C LYS B 248 36.04 3.23 -15.72
N VAL B 249 35.44 2.50 -16.66
CA VAL B 249 34.83 1.21 -16.39
C VAL B 249 35.47 0.11 -17.23
N LYS B 250 36.43 0.48 -18.10
CA LYS B 250 36.74 -0.20 -19.36
C LYS B 250 36.92 -1.71 -19.23
N ASN B 251 37.69 -2.14 -18.23
CA ASN B 251 38.04 -3.54 -18.18
C ASN B 251 36.90 -4.40 -17.64
N GLU B 252 35.88 -3.76 -17.07
CA GLU B 252 34.66 -4.50 -16.78
C GLU B 252 33.97 -4.90 -18.07
N VAL B 253 33.85 -3.96 -19.01
CA VAL B 253 32.93 -4.17 -20.13
C VAL B 253 33.54 -5.11 -21.16
N ASN B 254 34.87 -5.11 -21.27
CA ASN B 254 35.49 -5.97 -22.27
C ASN B 254 35.50 -7.40 -21.77
N SER B 255 35.67 -7.57 -20.46
CA SER B 255 35.47 -8.86 -19.83
C SER B 255 34.02 -9.29 -19.95
N PHE B 256 33.11 -8.33 -19.87
CA PHE B 256 31.69 -8.65 -19.96
C PHE B 256 31.32 -9.12 -21.36
N LYS B 257 31.94 -8.51 -22.37
CA LYS B 257 31.72 -9.00 -23.73
C LYS B 257 32.38 -10.35 -23.91
N ALA B 258 33.52 -10.56 -23.25
CA ALA B 258 34.12 -11.89 -23.21
C ALA B 258 33.24 -12.86 -22.43
N ALA B 259 32.59 -12.35 -21.38
CA ALA B 259 31.54 -13.13 -20.73
C ALA B 259 30.36 -13.33 -21.67
N LEU B 260 30.02 -12.30 -22.44
CA LEU B 260 28.98 -12.43 -23.46
C LEU B 260 29.39 -13.38 -24.57
N SER B 261 30.67 -13.36 -24.95
CA SER B 261 31.16 -14.29 -25.96
C SER B 261 31.12 -15.71 -25.43
N SER B 262 31.34 -15.88 -24.12
CA SER B 262 31.10 -17.18 -23.51
C SER B 262 29.61 -17.44 -23.35
N LEU B 263 28.81 -16.38 -23.31
CA LEU B 263 27.37 -16.54 -23.10
C LEU B 263 26.67 -16.91 -24.40
N ALA B 264 26.92 -16.12 -25.45
CA ALA B 264 26.12 -16.23 -26.67
C ALA B 264 26.51 -17.44 -27.52
N LYS B 265 27.54 -18.18 -27.10
CA LYS B 265 27.95 -19.36 -27.86
C LYS B 265 26.97 -20.51 -27.67
N HIS B 266 26.11 -20.43 -26.67
CA HIS B 266 25.20 -21.54 -26.38
C HIS B 266 23.89 -21.43 -27.12
N GLY B 267 23.73 -20.42 -27.97
CA GLY B 267 22.49 -20.28 -28.71
C GLY B 267 21.37 -19.68 -27.88
N GLU B 268 20.21 -20.32 -27.91
CA GLU B 268 18.99 -19.75 -27.38
C GLU B 268 18.85 -19.86 -25.87
N TYR B 269 19.73 -20.59 -25.21
CA TYR B 269 19.55 -20.89 -23.79
C TYR B 269 20.22 -19.88 -22.88
N ALA B 270 20.75 -18.79 -23.44
CA ALA B 270 21.27 -17.68 -22.66
C ALA B 270 20.31 -17.09 -21.62
N PRO B 271 18.98 -17.04 -21.83
CA PRO B 271 18.10 -16.71 -20.69
C PRO B 271 17.98 -17.79 -19.64
N PHE B 272 18.68 -18.92 -19.78
CA PHE B 272 18.52 -20.03 -18.86
C PHE B 272 19.85 -20.49 -18.29
N ALA B 273 20.94 -19.89 -18.74
CA ALA B 273 22.29 -20.22 -18.31
C ALA B 273 22.52 -20.01 -16.82
N ARG B 274 21.79 -19.07 -16.20
CA ARG B 274 21.70 -19.01 -14.75
C ARG B 274 21.19 -20.30 -14.14
N LEU B 275 20.09 -20.84 -14.67
CA LEU B 275 19.57 -22.09 -14.16
C LEU B 275 20.38 -23.25 -14.72
N LEU B 276 20.72 -23.18 -15.99
CA LEU B 276 21.36 -24.27 -16.69
C LEU B 276 22.85 -23.95 -16.65
N ASN B 277 23.53 -24.48 -15.63
CA ASN B 277 24.83 -23.97 -15.21
C ASN B 277 25.88 -24.22 -16.29
N LEU B 278 26.44 -23.11 -16.78
CA LEU B 278 27.47 -23.12 -17.79
C LEU B 278 28.65 -22.32 -17.27
N SER B 279 29.61 -22.05 -18.14
CA SER B 279 30.84 -21.40 -17.75
C SER B 279 30.72 -19.90 -17.58
N GLY B 280 30.03 -19.22 -18.49
CA GLY B 280 30.00 -17.78 -18.52
C GLY B 280 29.28 -17.14 -17.36
N VAL B 281 28.28 -17.84 -16.81
CA VAL B 281 27.48 -17.31 -15.71
C VAL B 281 28.33 -17.17 -14.45
N ASN B 282 29.40 -17.96 -14.35
CA ASN B 282 30.35 -17.79 -13.26
C ASN B 282 31.08 -16.46 -13.37
N ASN B 283 31.39 -16.06 -14.60
CA ASN B 283 31.88 -14.72 -14.85
C ASN B 283 30.78 -13.67 -14.81
N LEU B 284 29.52 -14.08 -14.80
CA LEU B 284 28.41 -13.14 -14.75
C LEU B 284 28.00 -12.93 -13.30
N GLU B 285 28.59 -11.94 -12.66
CA GLU B 285 28.21 -11.57 -11.30
C GLU B 285 28.17 -10.07 -11.16
N HIS B 286 27.20 -9.60 -10.38
CA HIS B 286 27.06 -8.18 -10.08
C HIS B 286 28.26 -7.62 -9.34
N GLY B 287 28.85 -8.39 -8.42
CA GLY B 287 30.09 -7.98 -7.83
C GLY B 287 31.24 -7.94 -8.79
N LEU B 288 31.21 -8.78 -9.82
CA LEU B 288 32.20 -8.72 -10.89
C LEU B 288 32.01 -7.53 -11.80
N PHE B 289 30.83 -6.92 -11.80
CA PHE B 289 30.67 -5.70 -12.59
C PHE B 289 29.98 -4.65 -11.74
N PRO B 290 30.62 -4.18 -10.67
CA PRO B 290 29.88 -3.37 -9.69
C PRO B 290 29.62 -1.97 -10.16
N GLN B 291 30.41 -1.47 -11.10
CA GLN B 291 30.14 -0.14 -11.64
C GLN B 291 28.97 -0.18 -12.61
N LEU B 292 28.94 -1.20 -13.48
CA LEU B 292 27.97 -1.24 -14.57
C LEU B 292 26.56 -1.45 -14.08
N SER B 293 26.41 -2.15 -12.95
CA SER B 293 25.10 -2.60 -12.49
C SER B 293 24.21 -1.42 -12.12
N ALA B 294 24.81 -0.37 -11.58
CA ALA B 294 24.03 0.83 -11.27
C ALA B 294 23.86 1.70 -12.51
N ILE B 295 24.74 1.52 -13.50
CA ILE B 295 24.75 2.40 -14.67
C ILE B 295 23.50 2.19 -15.51
N ALA B 296 23.23 0.94 -15.88
CA ALA B 296 22.00 0.65 -16.60
C ALA B 296 20.80 0.81 -15.69
N LEU B 297 21.00 0.60 -14.38
CA LEU B 297 19.96 0.92 -13.41
C LEU B 297 19.66 2.41 -13.42
N GLY B 298 20.70 3.24 -13.51
CA GLY B 298 20.46 4.67 -13.65
C GLY B 298 19.87 5.04 -14.99
N VAL B 299 20.16 4.23 -16.00
CA VAL B 299 19.60 4.47 -17.32
C VAL B 299 18.13 4.09 -17.36
N ALA B 300 17.82 2.87 -16.93
CA ALA B 300 16.47 2.33 -17.11
C ALA B 300 15.47 3.01 -16.20
N THR B 301 15.93 3.48 -15.04
CA THR B 301 15.07 4.29 -14.19
C THR B 301 14.80 5.63 -14.86
N ALA B 302 15.84 6.22 -15.45
CA ALA B 302 15.63 7.41 -16.29
C ALA B 302 14.84 7.06 -17.53
N HIS B 303 14.98 5.83 -18.02
CA HIS B 303 14.14 5.40 -19.12
C HIS B 303 12.81 4.83 -18.66
N GLY B 304 12.54 4.84 -17.36
CA GLY B 304 11.28 4.33 -16.85
C GLY B 304 11.18 2.83 -16.78
N SER B 305 12.20 2.11 -17.24
CA SER B 305 12.21 0.66 -17.26
C SER B 305 12.79 0.07 -15.99
N THR B 306 12.63 0.79 -14.86
CA THR B 306 13.34 0.53 -13.62
C THR B 306 13.05 -0.85 -13.05
N LEU B 307 14.01 -1.39 -12.31
CA LEU B 307 13.91 -2.71 -11.72
C LEU B 307 13.78 -2.58 -10.21
N ALA B 308 12.88 -3.38 -9.65
CA ALA B 308 12.57 -3.33 -8.23
C ALA B 308 13.43 -4.33 -7.47
N GLY B 309 13.59 -4.06 -6.18
CA GLY B 309 14.31 -4.95 -5.29
C GLY B 309 15.80 -5.00 -5.46
N VAL B 310 16.38 -4.17 -6.33
CA VAL B 310 17.81 -4.21 -6.60
C VAL B 310 18.48 -3.05 -5.89
N ASN B 311 19.71 -3.28 -5.47
CA ASN B 311 20.41 -2.37 -4.59
C ASN B 311 21.69 -1.86 -5.25
N VAL B 312 22.27 -0.85 -4.63
CA VAL B 312 23.43 -0.14 -5.14
C VAL B 312 24.59 -0.41 -4.19
N GLY B 313 25.78 -0.60 -4.75
CA GLY B 313 26.97 -0.60 -3.92
C GLY B 313 27.15 0.69 -3.17
N GLU B 314 27.71 0.55 -1.96
CA GLU B 314 27.80 1.70 -1.06
C GLU B 314 28.77 2.74 -1.59
N GLN B 315 29.80 2.29 -2.30
CA GLN B 315 30.69 3.18 -3.02
C GLN B 315 30.08 3.69 -4.33
N TYR B 316 28.86 3.28 -4.66
CA TYR B 316 28.39 3.39 -6.02
C TYR B 316 27.16 4.26 -6.18
N GLN B 317 26.68 4.87 -5.10
CA GLN B 317 25.48 5.68 -5.19
C GLN B 317 25.76 6.99 -5.93
N GLN B 318 27.04 7.41 -5.92
CA GLN B 318 27.57 8.43 -6.81
C GLN B 318 27.12 8.24 -8.25
N LEU B 319 27.33 7.03 -8.79
CA LEU B 319 27.19 6.85 -10.22
C LEU B 319 25.73 6.67 -10.62
N ARG B 320 24.85 6.48 -9.64
CA ARG B 320 23.46 6.23 -9.99
C ARG B 320 22.75 7.52 -10.38
N GLU B 321 22.72 8.48 -9.46
CA GLU B 321 21.83 9.63 -9.57
C GLU B 321 22.24 10.60 -10.65
N ALA B 322 23.55 10.81 -10.85
CA ALA B 322 23.98 11.81 -11.81
C ALA B 322 23.82 11.30 -13.23
N ALA B 323 24.19 10.04 -13.45
CA ALA B 323 24.01 9.42 -14.76
C ALA B 323 22.54 9.27 -15.09
N THR B 324 21.71 9.13 -14.06
CA THR B 324 20.26 9.16 -14.24
C THR B 324 19.82 10.50 -14.82
N GLU B 325 20.32 11.59 -14.25
CA GLU B 325 20.05 12.91 -14.80
C GLU B 325 20.72 13.09 -16.14
N ALA B 326 21.96 12.60 -16.26
CA ALA B 326 22.73 12.77 -17.49
C ALA B 326 22.08 12.05 -18.65
N GLU B 327 21.48 10.89 -18.37
CA GLU B 327 20.71 10.20 -19.39
C GLU B 327 19.45 10.99 -19.75
N LYS B 328 18.83 11.61 -18.76
CA LYS B 328 17.69 12.48 -19.06
C LYS B 328 18.13 13.71 -19.83
N GLN B 329 19.37 14.15 -19.58
CA GLN B 329 19.95 15.20 -20.42
C GLN B 329 20.19 14.69 -21.82
N LEU B 330 20.57 13.43 -21.95
CA LEU B 330 20.63 12.82 -23.28
C LEU B 330 19.23 12.67 -23.86
N GLN B 331 18.28 12.30 -23.01
CA GLN B 331 16.87 12.33 -23.40
C GLN B 331 16.41 13.74 -23.72
N GLN B 332 16.98 14.74 -23.03
CA GLN B 332 16.77 16.11 -23.47
C GLN B 332 17.47 16.36 -24.79
N TYR B 333 18.66 15.79 -24.96
CA TYR B 333 19.45 16.13 -26.13
C TYR B 333 18.94 15.44 -27.38
N ALA B 334 18.81 14.11 -27.31
CA ALA B 334 18.71 13.30 -28.52
C ALA B 334 17.34 13.45 -29.18
N GLU B 335 16.27 13.38 -28.39
CA GLU B 335 14.93 13.51 -28.96
C GLU B 335 14.64 14.94 -29.37
N SER B 336 15.42 15.90 -28.86
CA SER B 336 15.38 17.25 -29.43
C SER B 336 16.19 17.33 -30.71
N ARG B 337 17.33 16.62 -30.74
CA ARG B 337 18.10 16.53 -31.97
C ARG B 337 17.38 15.69 -33.01
N GLU B 338 16.46 14.82 -32.56
CA GLU B 338 15.62 14.03 -33.46
C GLU B 338 14.71 14.92 -34.30
N LEU B 339 14.35 16.09 -33.78
CA LEU B 339 13.32 16.94 -34.38
C LEU B 339 13.78 17.50 -35.72
N ASP B 340 14.90 18.23 -35.73
CA ASP B 340 15.41 18.80 -36.96
C ASP B 340 15.99 17.71 -37.86
N HIS B 341 16.24 16.53 -37.30
CA HIS B 341 16.74 15.41 -38.09
C HIS B 341 15.69 14.89 -39.06
N LEU B 342 14.51 14.51 -38.58
CA LEU B 342 13.59 13.78 -39.43
C LEU B 342 12.64 14.74 -40.14
N GLY B 343 11.86 14.18 -41.07
CA GLY B 343 11.01 14.99 -41.91
C GLY B 343 9.78 15.48 -41.16
N LEU B 344 9.73 16.80 -40.97
CA LEU B 344 8.67 17.48 -40.24
C LEU B 344 8.74 18.97 -40.53
N ASP B 345 7.95 19.77 -39.82
CA ASP B 345 7.93 21.22 -40.04
C ASP B 345 7.76 21.94 -38.71
N ASP B 346 7.58 23.26 -38.83
CA ASP B 346 7.83 24.15 -37.70
C ASP B 346 6.68 24.12 -36.72
N GLN B 347 5.46 23.98 -37.24
CA GLN B 347 4.31 23.74 -36.37
C GLN B 347 4.45 22.43 -35.64
N GLU B 348 4.88 21.39 -36.35
CA GLU B 348 5.04 20.06 -35.77
C GLU B 348 6.13 20.06 -34.72
N LYS B 349 7.26 20.69 -35.02
CA LYS B 349 8.41 20.70 -34.12
C LYS B 349 8.11 21.46 -32.84
N LYS B 350 7.51 22.65 -32.99
CA LYS B 350 7.22 23.50 -31.84
C LYS B 350 6.19 22.85 -30.93
N ILE B 351 5.26 22.12 -31.51
CA ILE B 351 4.34 21.29 -30.72
C ILE B 351 5.12 20.19 -30.00
N LEU B 352 6.00 19.50 -30.71
CA LEU B 352 6.65 18.35 -30.12
C LEU B 352 7.72 18.77 -29.13
N MET B 353 8.25 19.99 -29.28
CA MET B 353 9.03 20.60 -28.21
C MET B 353 8.19 20.77 -26.96
N ASN B 354 6.97 21.28 -27.13
CA ASN B 354 6.05 21.43 -26.01
C ASN B 354 5.61 20.06 -25.51
N PHE B 355 5.42 19.11 -26.44
CA PHE B 355 5.09 17.75 -26.05
C PHE B 355 6.23 17.09 -25.30
N HIS B 356 7.46 17.41 -25.66
CA HIS B 356 8.61 17.01 -24.87
C HIS B 356 8.54 17.62 -23.48
N GLN B 357 8.01 18.83 -23.38
CA GLN B 357 7.85 19.49 -22.08
C GLN B 357 6.54 19.07 -21.43
N LYS B 358 5.54 18.70 -22.23
CA LYS B 358 4.30 18.15 -21.67
C LYS B 358 4.57 16.80 -21.03
N LYS B 359 5.51 16.04 -21.60
CA LYS B 359 6.01 14.83 -20.96
C LYS B 359 6.70 15.16 -19.66
N ASN B 360 7.31 16.35 -19.60
CA ASN B 360 8.01 16.80 -18.42
C ASN B 360 7.07 17.56 -17.49
N GLU B 361 6.03 16.88 -17.03
CA GLU B 361 5.13 17.39 -15.98
C GLU B 361 5.96 17.79 -14.75
N ILE B 362 5.96 19.08 -14.41
CA ILE B 362 6.60 19.55 -13.19
C ILE B 362 5.48 20.15 -12.36
N SER B 363 4.27 19.65 -12.55
CA SER B 363 3.11 20.21 -11.87
C SER B 363 1.95 19.25 -11.90
N PHE B 364 1.30 19.11 -10.76
CA PHE B 364 -0.10 18.71 -10.67
C PHE B 364 -0.90 19.86 -10.11
N GLN B 365 -2.19 19.88 -10.41
CA GLN B 365 -3.09 20.79 -9.72
C GLN B 365 -4.18 19.95 -9.11
N GLN B 366 -4.44 20.16 -7.83
CA GLN B 366 -5.34 19.29 -7.11
C GLN B 366 -6.42 20.14 -6.48
N THR B 367 -7.27 19.48 -5.69
CA THR B 367 -8.27 20.23 -4.96
C THR B 367 -7.68 20.59 -3.61
N ASN B 368 -8.53 21.06 -2.71
CA ASN B 368 -8.09 21.27 -1.33
C ASN B 368 -8.88 20.36 -0.41
N ALA B 369 -10.21 20.42 -0.52
CA ALA B 369 -11.07 19.78 0.47
C ALA B 369 -11.32 18.32 0.13
N MET B 370 -11.17 17.95 -1.14
CA MET B 370 -11.24 16.54 -1.48
C MET B 370 -9.91 15.86 -1.19
N VAL B 371 -8.80 16.58 -1.40
CA VAL B 371 -7.45 16.06 -1.14
C VAL B 371 -7.28 15.75 0.34
N THR B 372 -8.02 16.48 1.18
CA THR B 372 -8.28 16.06 2.56
C THR B 372 -8.76 14.62 2.62
N LEU B 373 -9.88 14.32 1.98
CA LEU B 373 -10.44 12.98 2.06
C LEU B 373 -9.66 12.01 1.19
N ARG B 374 -8.99 12.52 0.14
CA ARG B 374 -8.21 11.67 -0.75
C ARG B 374 -7.08 10.96 0.00
N LYS B 375 -6.18 11.73 0.60
CA LYS B 375 -5.07 11.14 1.34
C LYS B 375 -5.57 10.44 2.60
N GLU B 376 -6.71 10.91 3.12
CA GLU B 376 -7.41 10.16 4.15
C GLU B 376 -7.80 8.78 3.64
N ARG B 377 -8.26 8.68 2.40
CA ARG B 377 -8.51 7.38 1.80
C ARG B 377 -7.22 6.73 1.33
N LEU B 378 -6.29 7.53 0.81
CA LEU B 378 -5.09 6.98 0.18
C LEU B 378 -4.17 6.34 1.20
N ALA B 379 -4.05 6.94 2.38
CA ALA B 379 -3.31 6.29 3.45
C ALA B 379 -4.11 5.12 4.02
N LYS B 380 -5.44 5.25 4.06
CA LYS B 380 -6.29 4.12 4.39
C LYS B 380 -6.17 3.03 3.33
N LEU B 381 -5.99 3.43 2.07
CA LEU B 381 -5.67 2.46 1.03
C LEU B 381 -4.33 1.81 1.29
N THR B 382 -3.36 2.61 1.72
CA THR B 382 -2.03 2.10 2.05
C THR B 382 -2.13 1.21 3.28
N GLU B 383 -3.01 1.58 4.21
CA GLU B 383 -3.19 0.79 5.43
C GLU B 383 -3.90 -0.53 5.12
N ALA B 384 -4.72 -0.54 4.07
CA ALA B 384 -5.41 -1.77 3.68
C ALA B 384 -4.50 -2.68 2.87
N ILE B 385 -3.58 -2.09 2.09
CA ILE B 385 -2.65 -2.89 1.29
C ILE B 385 -1.61 -3.54 2.19
N THR B 386 -1.11 -2.80 3.18
CA THR B 386 -0.01 -3.28 4.01
C THR B 386 -0.47 -4.39 4.95
N ALA B 387 -1.54 -4.16 5.71
CA ALA B 387 -2.05 -5.15 6.66
C ALA B 387 -2.72 -6.32 5.94
#